data_6VHW
#
_entry.id   6VHW
#
_cell.length_a   77.436
_cell.length_b   60.284
_cell.length_c   80.253
_cell.angle_alpha   90.000
_cell.angle_beta   101.009
_cell.angle_gamma   90.000
#
_symmetry.space_group_name_H-M   'P 1 21 1'
#
loop_
_entity.id
_entity.type
_entity.pdbx_description
1 polymer 'NpsA Adenylation Domain'
2 non-polymer "5'-deoxy-5'-{[(3-hydroxybenzene-1-carbonyl)sulfamoyl]amino}adenosine"
3 non-polymer 'TRIETHYLENE GLYCOL'
4 non-polymer '4-(2-HYDROXYETHYL)-1-PIPERAZINE ETHANESULFONIC ACID'
5 non-polymer DI(HYDROXYETHYL)ETHER
6 non-polymer 'BROMIDE ION'
7 non-polymer 'CHLORIDE ION'
8 water water
#
_entity_poly.entity_id   1
_entity_poly.type   'polypeptide(L)'
_entity_poly.pdbx_seq_one_letter_code
;GHMTHSAYVYQLKAVPDIFDEISQRFPDRVALIFDQRKITYRELAEQCSALAAVLQNNCLIKGDIVAIKIERSPELYIFM
LALMKIGAVMVPVNSNSPERYIGEVLSAAGARYLISDDVTSVPGGAWHVLSSRTLIQNCTQQRSGNYPVLSADDPALILM
TSGSTGKPKSVLIAHRGIARLGLPVPALGNSERDCYLQIADISFAASANEIWMALLTGACLTIAPPGLPDLMALARQIES
DNVTMLFLSGGLFRLFVEVSVETLHIPDCVVVSGDFVNPRLFSVAVQAGKAKIFNGLGCTENSAISSLYHIQSAAALSSE
SPVPVGTPLPLVEMVVFNERLQPCTCGEYGELFIAGAGVALGYSDPQLTAERFITIPYQGTDMLFYRTDDRATYDQDRNI
VLVGRG
;
_entity_poly.pdbx_strand_id   A,B
#
loop_
_chem_comp.id
_chem_comp.type
_chem_comp.name
_chem_comp.formula
BR non-polymer 'BROMIDE ION' 'Br -1'
CL non-polymer 'CHLORIDE ION' 'Cl -1'
EPE non-polymer '4-(2-HYDROXYETHYL)-1-PIPERAZINE ETHANESULFONIC ACID' 'C8 H18 N2 O4 S'
PEG non-polymer DI(HYDROXYETHYL)ETHER 'C4 H10 O3'
PGE non-polymer 'TRIETHYLENE GLYCOL' 'C6 H14 O4'
R2V non-polymer 5'-deoxy-5'-{[(3-hydroxybenzene-1-carbonyl)sulfamoyl]amino}adenosine 'C17 H19 N7 O7 S'
#
# COMPACT_ATOMS: atom_id res chain seq x y z
N THR A 4 38.06 19.63 -2.05
CA THR A 4 38.46 18.60 -1.10
C THR A 4 37.63 17.33 -1.28
N HIS A 5 38.32 16.18 -1.41
CA HIS A 5 37.69 14.87 -1.55
C HIS A 5 38.40 13.91 -0.60
N SER A 6 38.10 14.03 0.70
CA SER A 6 38.89 13.31 1.70
C SER A 6 38.51 11.83 1.75
N ALA A 7 39.55 11.00 1.86
CA ALA A 7 39.34 9.57 2.04
C ALA A 7 39.09 9.17 3.49
N TYR A 8 39.17 10.09 4.44
CA TYR A 8 38.81 9.84 5.83
C TYR A 8 37.29 9.85 5.91
N VAL A 9 36.69 8.66 5.97
CA VAL A 9 35.25 8.53 5.78
C VAL A 9 34.47 9.29 6.85
N TYR A 10 35.03 9.42 8.05
CA TYR A 10 34.33 10.13 9.11
C TYR A 10 34.27 11.63 8.89
N GLN A 11 35.16 12.18 8.06
CA GLN A 11 35.23 13.63 7.85
C GLN A 11 34.20 14.03 6.81
N LEU A 12 33.05 14.54 7.25
CA LEU A 12 31.94 14.90 6.36
C LEU A 12 31.85 16.41 6.16
N LYS A 13 31.54 16.82 4.93
CA LYS A 13 31.33 18.24 4.66
C LYS A 13 29.84 18.57 4.76
N ALA A 14 29.55 19.86 4.66
CA ALA A 14 28.16 20.27 4.51
C ALA A 14 27.64 19.85 3.14
N VAL A 15 26.30 19.77 3.03
CA VAL A 15 25.67 19.25 1.81
C VAL A 15 26.14 19.98 0.55
N PRO A 16 26.14 21.32 0.47
CA PRO A 16 26.53 21.95 -0.80
C PRO A 16 27.96 21.65 -1.20
N ASP A 17 28.84 21.41 -0.23
CA ASP A 17 30.23 21.09 -0.58
C ASP A 17 30.34 19.70 -1.19
N ILE A 18 29.60 18.73 -0.66
CA ILE A 18 29.61 17.40 -1.25
C ILE A 18 29.03 17.45 -2.66
N PHE A 19 27.94 18.20 -2.84
CA PHE A 19 27.32 18.29 -4.15
C PHE A 19 28.25 18.96 -5.16
N ASP A 20 28.94 20.04 -4.74
CA ASP A 20 29.90 20.66 -5.64
C ASP A 20 30.99 19.68 -6.07
N GLU A 21 31.46 18.86 -5.13
CA GLU A 21 32.44 17.83 -5.48
C GLU A 21 31.86 16.86 -6.49
N ILE A 22 30.64 16.37 -6.22
CA ILE A 22 30.00 15.38 -7.10
C ILE A 22 29.71 15.98 -8.47
N SER A 23 29.17 17.20 -8.50
CA SER A 23 28.83 17.82 -9.78
C SER A 23 30.07 18.11 -10.61
N GLN A 24 31.23 18.29 -9.97
CA GLN A 24 32.46 18.51 -10.71
C GLN A 24 33.06 17.21 -11.23
N ARG A 25 32.82 16.11 -10.52
CA ARG A 25 33.36 14.80 -10.88
C ARG A 25 32.49 14.06 -11.87
N PHE A 26 31.17 14.25 -11.82
CA PHE A 26 30.25 13.58 -12.74
C PHE A 26 29.38 14.59 -13.49
N PRO A 27 29.98 15.59 -14.13
CA PRO A 27 29.15 16.67 -14.69
C PRO A 27 28.25 16.22 -15.83
N ASP A 28 28.62 15.18 -16.55
CA ASP A 28 27.82 14.70 -17.67
C ASP A 28 26.89 13.55 -17.30
N ARG A 29 26.87 13.12 -16.04
CA ARG A 29 25.88 12.15 -15.63
C ARG A 29 24.53 12.82 -15.39
N VAL A 30 23.46 12.06 -15.57
CA VAL A 30 22.11 12.59 -15.40
C VAL A 30 21.78 12.62 -13.91
N ALA A 31 21.41 13.80 -13.42
CA ALA A 31 21.07 13.96 -12.01
C ALA A 31 19.58 13.80 -11.76
N LEU A 32 18.74 14.41 -12.60
CA LEU A 32 17.30 14.42 -12.40
C LEU A 32 16.59 13.97 -13.66
N ILE A 33 15.49 13.23 -13.47
CA ILE A 33 14.55 12.87 -14.55
C ILE A 33 13.15 13.18 -14.04
N PHE A 34 12.42 14.00 -14.80
CA PHE A 34 10.99 14.21 -14.57
C PHE A 34 10.29 14.05 -15.90
N ASP A 35 9.38 13.07 -15.97
CA ASP A 35 8.74 12.67 -17.22
C ASP A 35 9.82 12.31 -18.24
N GLN A 36 9.96 13.08 -19.30
CA GLN A 36 11.05 12.88 -20.24
C GLN A 36 12.06 14.01 -20.24
N ARG A 37 11.98 14.91 -19.26
CA ARG A 37 12.97 15.97 -19.10
C ARG A 37 14.11 15.45 -18.24
N LYS A 38 15.34 15.63 -18.72
CA LYS A 38 16.51 15.10 -18.03
C LYS A 38 17.54 16.20 -17.83
N ILE A 39 18.15 16.22 -16.65
CA ILE A 39 19.06 17.31 -16.26
C ILE A 39 20.36 16.70 -15.76
N THR A 40 21.47 17.10 -16.37
CA THR A 40 22.79 16.62 -15.94
C THR A 40 23.22 17.32 -14.64
N TYR A 41 24.24 16.75 -14.00
CA TYR A 41 24.82 17.40 -12.83
C TYR A 41 25.39 18.78 -13.18
N ARG A 42 26.00 18.92 -14.36
CA ARG A 42 26.52 20.22 -14.77
C ARG A 42 25.40 21.26 -14.81
N GLU A 43 24.29 20.95 -15.49
CA GLU A 43 23.18 21.90 -15.55
C GLU A 43 22.52 22.08 -14.19
N LEU A 44 22.44 21.02 -13.40
CA LEU A 44 21.85 21.13 -12.07
C LEU A 44 22.67 22.05 -11.19
N ALA A 45 24.00 21.91 -11.24
CA ALA A 45 24.85 22.78 -10.44
C ALA A 45 24.77 24.22 -10.92
N GLU A 46 24.57 24.44 -12.22
CA GLU A 46 24.40 25.80 -12.70
C GLU A 46 23.11 26.42 -12.19
N GLN A 47 22.02 25.65 -12.20
CA GLN A 47 20.74 26.17 -11.74
C GLN A 47 20.74 26.38 -10.23
N CYS A 48 21.38 25.47 -9.49
CA CYS A 48 21.44 25.68 -8.05
C CYS A 48 22.21 26.94 -7.71
N SER A 49 23.31 27.23 -8.40
CA SER A 49 24.11 28.44 -8.15
C SER A 49 23.34 29.70 -8.49
N ALA A 50 22.65 29.69 -9.63
CA ALA A 50 21.88 30.85 -10.05
C ALA A 50 20.73 31.13 -9.09
N LEU A 51 20.02 30.09 -8.67
CA LEU A 51 18.94 30.27 -7.71
C LEU A 51 19.47 30.73 -6.35
N ALA A 52 20.61 30.19 -5.92
CA ALA A 52 21.16 30.60 -4.64
C ALA A 52 21.52 32.08 -4.65
N ALA A 53 22.02 32.58 -5.79
CA ALA A 53 22.30 34.00 -5.93
C ALA A 53 21.02 34.82 -5.84
N VAL A 54 19.93 34.33 -6.45
CA VAL A 54 18.65 35.02 -6.36
C VAL A 54 18.15 35.05 -4.92
N LEU A 55 18.25 33.91 -4.23
CA LEU A 55 17.79 33.84 -2.84
C LEU A 55 18.57 34.79 -1.94
N GLN A 56 19.88 34.90 -2.15
CA GLN A 56 20.67 35.84 -1.36
C GLN A 56 20.30 37.28 -1.69
N ASN A 57 19.98 37.56 -2.96
CA ASN A 57 19.59 38.93 -3.24
C ASN A 57 18.15 39.23 -2.82
N ASN A 58 17.41 38.23 -2.34
CA ASN A 58 16.14 38.45 -1.66
C ASN A 58 16.28 38.43 -0.14
N CYS A 59 17.49 38.69 0.36
CA CYS A 59 17.81 38.84 1.78
C CYS A 59 17.60 37.55 2.58
N LEU A 60 17.71 36.39 1.94
CA LEU A 60 17.71 35.11 2.65
C LEU A 60 19.14 34.74 3.04
N ILE A 61 19.36 34.47 4.31
CA ILE A 61 20.71 34.27 4.85
C ILE A 61 20.76 32.98 5.66
N LYS A 62 21.98 32.61 6.05
CA LYS A 62 22.20 31.41 6.84
C LYS A 62 21.40 31.46 8.13
N GLY A 63 20.67 30.38 8.42
CA GLY A 63 19.87 30.30 9.62
C GLY A 63 18.43 30.72 9.46
N ASP A 64 18.07 31.39 8.36
CA ASP A 64 16.67 31.69 8.08
C ASP A 64 15.86 30.39 7.96
N ILE A 65 14.70 30.38 8.59
CA ILE A 65 13.81 29.22 8.55
C ILE A 65 12.90 29.40 7.34
N VAL A 66 13.06 28.54 6.34
CA VAL A 66 12.40 28.68 5.06
C VAL A 66 11.61 27.42 4.78
N ALA A 67 10.28 27.53 4.76
CA ALA A 67 9.44 26.41 4.39
C ALA A 67 9.37 26.24 2.88
N ILE A 68 9.19 25.00 2.45
CA ILE A 68 9.11 24.65 1.03
C ILE A 68 7.83 23.86 0.80
N LYS A 69 6.98 24.35 -0.09
CA LYS A 69 5.76 23.66 -0.52
C LYS A 69 5.77 23.69 -2.04
N ILE A 70 6.50 22.76 -2.64
CA ILE A 70 6.63 22.66 -4.09
C ILE A 70 6.36 21.21 -4.47
N GLU A 71 5.42 20.99 -5.38
CA GLU A 71 5.13 19.64 -5.83
C GLU A 71 6.35 19.04 -6.53
N ARG A 72 6.40 17.72 -6.58
CA ARG A 72 7.50 17.03 -7.25
C ARG A 72 7.68 17.55 -8.66
N SER A 73 8.94 17.87 -8.99
CA SER A 73 9.35 18.64 -10.15
C SER A 73 10.85 18.86 -10.04
N PRO A 74 11.56 19.07 -11.14
CA PRO A 74 13.00 19.38 -10.99
C PRO A 74 13.24 20.60 -10.15
N GLU A 75 12.35 21.60 -10.24
CA GLU A 75 12.51 22.83 -9.48
C GLU A 75 12.55 22.57 -7.97
N LEU A 76 11.80 21.58 -7.50
CA LEU A 76 11.80 21.27 -6.07
C LEU A 76 13.20 20.98 -5.56
N TYR A 77 13.95 20.19 -6.31
CA TYR A 77 15.28 19.80 -5.85
C TYR A 77 16.31 20.90 -6.11
N ILE A 78 16.10 21.72 -7.14
CA ILE A 78 16.94 22.91 -7.29
C ILE A 78 16.79 23.83 -6.08
N PHE A 79 15.56 23.99 -5.58
CA PHE A 79 15.38 24.82 -4.38
C PHE A 79 16.02 24.21 -3.16
N MET A 80 15.92 22.89 -2.99
CA MET A 80 16.57 22.27 -1.83
C MET A 80 18.06 22.53 -1.85
N LEU A 81 18.70 22.30 -2.99
CA LEU A 81 20.16 22.51 -3.09
C LEU A 81 20.53 23.96 -2.86
N ALA A 82 19.74 24.89 -3.40
CA ALA A 82 20.08 26.30 -3.27
C ALA A 82 19.92 26.78 -1.83
N LEU A 83 18.89 26.30 -1.13
CA LEU A 83 18.71 26.68 0.26
C LEU A 83 19.79 26.08 1.14
N MET A 84 20.25 24.87 0.80
CA MET A 84 21.39 24.30 1.51
C MET A 84 22.65 25.14 1.29
N LYS A 85 22.84 25.63 0.06
CA LYS A 85 24.05 26.39 -0.27
C LYS A 85 24.11 27.72 0.48
N ILE A 86 22.96 28.36 0.71
CA ILE A 86 22.97 29.59 1.51
C ILE A 86 22.85 29.32 3.01
N GLY A 87 22.76 28.07 3.42
CA GLY A 87 22.72 27.80 4.85
C GLY A 87 21.38 28.05 5.49
N ALA A 88 20.31 28.17 4.70
CA ALA A 88 18.97 28.27 5.25
C ALA A 88 18.54 26.91 5.81
N VAL A 89 17.58 26.95 6.74
CA VAL A 89 17.03 25.75 7.35
C VAL A 89 15.69 25.49 6.67
N MET A 90 15.62 24.40 5.90
CA MET A 90 14.40 24.07 5.17
C MET A 90 13.35 23.45 6.06
N VAL A 91 12.09 23.80 5.79
CA VAL A 91 10.96 23.14 6.44
C VAL A 91 10.05 22.58 5.34
N PRO A 92 10.31 21.37 4.85
CA PRO A 92 9.46 20.83 3.78
C PRO A 92 8.08 20.49 4.31
N VAL A 93 7.08 20.80 3.49
CA VAL A 93 5.67 20.73 3.83
C VAL A 93 5.02 19.72 2.90
N ASN A 94 4.13 18.90 3.45
CA ASN A 94 3.36 17.95 2.65
C ASN A 94 2.38 18.73 1.78
N SER A 95 2.59 18.70 0.46
CA SER A 95 1.65 19.35 -0.44
C SER A 95 0.25 18.72 -0.36
N ASN A 96 0.16 17.46 0.06
N ASN A 96 0.23 17.44 0.00
CA ASN A 96 -1.14 16.80 0.23
CA ASN A 96 -1.06 16.77 0.17
C ASN A 96 -1.75 17.06 1.60
C ASN A 96 -1.68 17.03 1.54
N SER A 97 -1.26 18.10 2.34
CA SER A 97 -1.92 18.26 3.63
C SER A 97 -2.89 19.44 3.60
N PRO A 98 -3.96 19.34 4.38
CA PRO A 98 -4.91 20.45 4.46
C PRO A 98 -4.25 21.72 4.98
N GLU A 99 -4.80 22.86 4.53
CA GLU A 99 -4.19 24.14 4.86
C GLU A 99 -4.09 24.35 6.36
N ARG A 100 -5.08 23.90 7.14
CA ARG A 100 -5.05 24.01 8.59
C ARG A 100 -3.78 23.39 9.17
N TYR A 101 -3.42 22.18 8.72
N TYR A 101 -3.41 22.20 8.69
CA TYR A 101 -2.27 21.51 9.31
CA TYR A 101 -2.29 21.47 9.28
C TYR A 101 -0.96 22.15 8.90
C TYR A 101 -0.96 22.06 8.86
N ILE A 102 -0.87 22.62 7.65
CA ILE A 102 0.35 23.26 7.19
C ILE A 102 0.66 24.49 8.03
N GLY A 103 -0.35 25.29 8.34
CA GLY A 103 -0.14 26.45 9.19
C GLY A 103 0.38 26.08 10.56
N GLU A 104 -0.11 24.96 11.11
CA GLU A 104 0.40 24.46 12.38
C GLU A 104 1.86 24.04 12.26
N VAL A 105 2.23 23.43 11.13
CA VAL A 105 3.62 23.07 10.88
C VAL A 105 4.49 24.32 10.84
N LEU A 106 4.07 25.31 10.05
CA LEU A 106 4.94 26.47 9.90
C LEU A 106 5.02 27.27 11.21
N SER A 107 3.94 27.33 11.98
CA SER A 107 4.04 28.03 13.26
C SER A 107 4.91 27.26 14.24
N ALA A 108 4.85 25.92 14.24
CA ALA A 108 5.69 25.15 15.15
C ALA A 108 7.16 25.23 14.76
N ALA A 109 7.45 25.36 13.46
CA ALA A 109 8.83 25.44 13.00
C ALA A 109 9.43 26.83 13.15
N GLY A 110 8.61 27.85 13.35
CA GLY A 110 9.11 29.21 13.32
C GLY A 110 9.50 29.69 11.94
N ALA A 111 8.81 29.21 10.91
CA ALA A 111 9.16 29.58 9.55
C ALA A 111 8.97 31.08 9.33
N ARG A 112 9.99 31.71 8.76
CA ARG A 112 9.89 33.12 8.40
C ARG A 112 9.36 33.30 6.98
N TYR A 113 9.68 32.36 6.09
CA TYR A 113 9.26 32.42 4.71
C TYR A 113 8.62 31.09 4.32
N LEU A 114 7.72 31.16 3.34
CA LEU A 114 7.14 29.98 2.71
C LEU A 114 7.32 30.13 1.21
N ILE A 115 8.15 29.28 0.61
CA ILE A 115 8.32 29.25 -0.83
C ILE A 115 7.33 28.24 -1.40
N SER A 116 6.51 28.67 -2.34
CA SER A 116 5.45 27.77 -2.80
C SER A 116 5.23 27.94 -4.30
N ASP A 117 4.87 26.81 -4.92
CA ASP A 117 4.59 26.81 -6.34
C ASP A 117 3.13 27.14 -6.65
N ASP A 118 2.35 27.47 -5.62
CA ASP A 118 0.94 27.83 -5.79
C ASP A 118 0.58 28.72 -4.60
N VAL A 119 0.84 30.01 -4.74
CA VAL A 119 0.74 30.97 -3.63
C VAL A 119 -0.73 31.20 -3.26
N THR A 120 -1.65 30.61 -4.02
CA THR A 120 -3.07 30.75 -3.71
C THR A 120 -3.52 29.73 -2.66
N SER A 121 -2.94 28.52 -2.71
CA SER A 121 -3.36 27.42 -1.81
C SER A 121 -2.43 27.28 -0.60
N VAL A 122 -2.05 28.40 0.01
CA VAL A 122 -1.13 28.34 1.18
C VAL A 122 -1.80 29.06 2.35
N PRO A 123 -1.58 28.61 3.60
CA PRO A 123 -2.18 29.29 4.76
C PRO A 123 -1.52 30.64 4.98
N GLY A 124 -2.31 31.57 5.51
CA GLY A 124 -1.79 32.85 5.89
C GLY A 124 -1.28 32.87 7.32
N GLY A 125 -0.38 33.80 7.60
CA GLY A 125 0.17 33.88 8.94
C GLY A 125 1.34 34.85 8.99
N ALA A 126 2.21 34.63 9.99
CA ALA A 126 3.35 35.52 10.19
C ALA A 126 4.41 35.34 9.12
N TRP A 127 4.44 34.19 8.45
CA TRP A 127 5.43 33.95 7.42
C TRP A 127 5.09 34.74 6.16
N HIS A 128 6.13 35.02 5.37
CA HIS A 128 5.98 35.73 4.12
C HIS A 128 6.07 34.75 2.97
N VAL A 129 5.05 34.75 2.11
CA VAL A 129 4.95 33.79 1.02
C VAL A 129 5.77 34.28 -0.17
N LEU A 130 6.63 33.42 -0.70
CA LEU A 130 7.43 33.70 -1.87
C LEU A 130 7.04 32.72 -2.97
N SER A 131 7.00 33.21 -4.21
CA SER A 131 6.60 32.41 -5.36
C SER A 131 7.81 31.67 -5.91
N SER A 132 7.81 30.33 -5.87
CA SER A 132 8.91 29.59 -6.46
C SER A 132 9.01 29.83 -7.96
N ARG A 133 7.87 30.03 -8.63
CA ARG A 133 7.88 30.30 -10.06
C ARG A 133 8.52 31.64 -10.38
N THR A 134 8.23 32.67 -9.59
CA THR A 134 8.88 33.94 -9.90
C THR A 134 10.36 33.92 -9.53
N LEU A 135 10.75 33.27 -8.44
CA LEU A 135 12.17 33.16 -8.12
C LEU A 135 12.94 32.44 -9.21
N ILE A 136 12.38 31.34 -9.72
CA ILE A 136 13.04 30.59 -10.79
C ILE A 136 13.18 31.46 -12.04
N GLN A 137 12.15 32.25 -12.35
CA GLN A 137 12.20 33.11 -13.54
C GLN A 137 13.32 34.13 -13.47
N ASN A 138 13.69 34.57 -12.27
CA ASN A 138 14.65 35.64 -12.10
C ASN A 138 16.10 35.17 -12.12
N CYS A 139 16.34 33.88 -12.30
CA CYS A 139 17.69 33.32 -12.32
C CYS A 139 18.45 33.82 -13.56
N THR A 140 19.56 34.52 -13.35
CA THR A 140 20.47 35.13 -14.31
C THR A 140 21.63 34.20 -14.61
N GLN A 141 22.33 34.45 -15.73
CA GLN A 141 23.54 33.70 -16.05
C GLN A 141 24.68 33.96 -15.08
N GLN A 142 24.58 35.00 -14.24
CA GLN A 142 25.66 35.20 -13.27
C GLN A 142 25.23 34.60 -11.94
N ARG A 143 25.99 33.62 -11.46
CA ARG A 143 25.67 32.93 -10.18
C ARG A 143 26.71 33.31 -9.12
N SER A 144 27.61 34.24 -9.47
CA SER A 144 28.67 34.72 -8.55
C SER A 144 28.04 35.10 -7.22
N GLY A 145 28.54 34.53 -6.12
CA GLY A 145 27.99 34.84 -4.79
C GLY A 145 29.03 34.66 -3.70
N ASN A 146 28.82 35.29 -2.55
CA ASN A 146 29.75 35.19 -1.40
C ASN A 146 28.98 34.30 -0.41
N TYR A 147 29.20 32.98 -0.46
CA TYR A 147 28.37 32.05 0.28
C TYR A 147 29.04 31.66 1.59
N PRO A 148 28.27 31.18 2.57
CA PRO A 148 28.84 30.87 3.88
C PRO A 148 29.69 29.62 3.86
N VAL A 149 30.67 29.59 4.75
CA VAL A 149 31.51 28.42 5.00
C VAL A 149 30.74 27.52 5.95
N LEU A 150 30.02 26.52 5.43
CA LEU A 150 29.16 25.71 6.26
C LEU A 150 29.91 24.50 6.82
N SER A 151 29.53 24.08 8.01
CA SER A 151 30.08 22.87 8.61
C SER A 151 29.02 21.77 8.65
N ALA A 152 29.50 20.55 8.84
CA ALA A 152 28.61 19.41 8.92
C ALA A 152 27.60 19.55 10.06
N ASP A 153 27.92 20.31 11.12
CA ASP A 153 26.99 20.40 12.24
C ASP A 153 25.99 21.55 12.13
N ASP A 154 26.08 22.37 11.07
CA ASP A 154 25.08 23.42 10.88
C ASP A 154 23.71 22.82 10.57
N PRO A 155 22.64 23.46 11.03
CA PRO A 155 21.30 22.92 10.79
C PRO A 155 20.96 23.00 9.31
N ALA A 156 20.27 21.96 8.83
CA ALA A 156 19.84 21.89 7.43
C ALA A 156 18.34 21.79 7.27
N LEU A 157 17.66 21.02 8.12
CA LEU A 157 16.24 20.69 7.96
C LEU A 157 15.51 20.76 9.28
N ILE A 158 14.21 21.04 9.21
CA ILE A 158 13.30 20.82 10.32
C ILE A 158 12.22 19.86 9.83
N LEU A 159 12.09 18.73 10.50
CA LEU A 159 11.09 17.72 10.18
C LEU A 159 10.21 17.43 11.39
N MET A 160 8.93 17.19 11.14
CA MET A 160 7.98 16.91 12.21
C MET A 160 7.85 15.40 12.40
N THR A 161 7.64 14.98 13.64
CA THR A 161 7.42 13.57 13.91
C THR A 161 6.54 13.44 15.14
N SER A 162 6.16 12.20 15.45
CA SER A 162 5.38 11.89 16.63
C SER A 162 6.04 10.77 17.41
N GLY A 163 5.85 10.79 18.73
CA GLY A 163 6.33 9.70 19.59
C GLY A 163 5.41 8.50 19.51
N SER A 164 5.75 7.42 20.21
CA SER A 164 4.93 6.18 20.16
C SER A 164 3.52 6.45 20.68
N THR A 165 3.38 7.41 21.59
CA THR A 165 2.06 7.72 22.15
C THR A 165 1.51 9.05 21.62
N GLY A 166 1.96 9.44 20.41
CA GLY A 166 1.32 10.50 19.67
C GLY A 166 1.81 11.90 19.90
N LYS A 167 2.75 12.11 20.81
CA LYS A 167 3.20 13.48 21.10
C LYS A 167 3.96 14.06 19.92
N PRO A 168 3.62 15.27 19.47
CA PRO A 168 4.28 15.83 18.28
C PRO A 168 5.60 16.51 18.62
N LYS A 169 6.58 16.34 17.73
CA LYS A 169 7.93 16.82 17.99
C LYS A 169 8.52 17.44 16.74
N SER A 170 9.26 18.53 16.92
CA SER A 170 9.95 19.22 15.84
C SER A 170 11.44 18.93 15.93
N VAL A 171 11.98 18.27 14.91
CA VAL A 171 13.34 17.72 14.92
C VAL A 171 14.24 18.60 14.06
N LEU A 172 15.36 19.04 14.62
CA LEU A 172 16.32 19.84 13.87
C LEU A 172 17.43 18.93 13.37
N ILE A 173 17.60 18.86 12.06
CA ILE A 173 18.51 17.93 11.42
C ILE A 173 19.73 18.69 10.90
N ALA A 174 20.92 18.17 11.19
CA ALA A 174 22.18 18.78 10.77
C ALA A 174 22.57 18.31 9.37
N HIS A 175 23.42 19.11 8.72
CA HIS A 175 23.94 18.73 7.41
C HIS A 175 24.55 17.33 7.42
N ARG A 176 25.31 17.00 8.48
CA ARG A 176 25.97 15.69 8.52
C ARG A 176 24.97 14.55 8.46
N GLY A 177 23.74 14.76 8.94
CA GLY A 177 22.78 13.66 8.99
C GLY A 177 22.33 13.18 7.62
N ILE A 178 22.28 14.09 6.65
CA ILE A 178 22.00 13.68 5.27
C ILE A 178 23.27 13.61 4.43
N ALA A 179 24.32 14.35 4.79
CA ALA A 179 25.58 14.28 4.05
C ALA A 179 26.22 12.89 4.13
N ARG A 180 26.00 12.18 5.25
CA ARG A 180 26.49 10.81 5.38
C ARG A 180 25.97 9.90 4.26
N LEU A 181 24.86 10.27 3.62
CA LEU A 181 24.31 9.42 2.57
C LEU A 181 25.16 9.42 1.31
N GLY A 182 26.16 10.30 1.23
CA GLY A 182 27.13 10.24 0.15
C GLY A 182 28.11 9.09 0.26
N LEU A 183 28.20 8.45 1.42
CA LEU A 183 29.04 7.28 1.58
C LEU A 183 28.35 6.05 1.02
N PRO A 184 28.95 5.35 0.06
CA PRO A 184 28.34 4.14 -0.47
C PRO A 184 28.07 3.14 0.65
N VAL A 185 26.88 2.53 0.59
CA VAL A 185 26.43 1.58 1.61
C VAL A 185 26.86 0.19 1.16
N PRO A 186 27.79 -0.46 1.86
CA PRO A 186 28.26 -1.77 1.40
C PRO A 186 27.16 -2.81 1.19
N ALA A 187 26.12 -2.80 2.03
CA ALA A 187 25.03 -3.77 1.87
C ALA A 187 24.32 -3.60 0.53
N LEU A 188 24.16 -2.36 0.08
CA LEU A 188 23.47 -2.09 -1.18
C LEU A 188 24.37 -2.15 -2.40
N GLY A 189 25.67 -1.91 -2.22
CA GLY A 189 26.58 -1.86 -3.36
C GLY A 189 26.31 -0.70 -4.30
N ASN A 190 25.84 0.43 -3.78
CA ASN A 190 25.43 1.53 -4.64
C ASN A 190 26.62 2.39 -5.06
N SER A 191 26.42 3.15 -6.14
CA SER A 191 27.45 3.93 -6.81
C SER A 191 26.77 5.01 -7.64
N GLU A 192 27.58 5.75 -8.41
CA GLU A 192 27.06 6.74 -9.33
C GLU A 192 26.26 6.12 -10.47
N ARG A 193 26.39 4.81 -10.69
CA ARG A 193 25.67 4.15 -11.77
C ARG A 193 24.21 3.86 -11.43
N ASP A 194 23.77 4.12 -10.21
CA ASP A 194 22.45 3.70 -9.79
C ASP A 194 21.40 4.76 -10.13
N CYS A 195 20.15 4.38 -9.97
CA CYS A 195 19.06 5.32 -10.19
C CYS A 195 18.00 5.07 -9.13
N TYR A 196 17.56 6.16 -8.52
CA TYR A 196 16.64 6.15 -7.39
C TYR A 196 15.31 6.74 -7.84
N LEU A 197 14.24 6.38 -7.13
CA LEU A 197 12.90 6.85 -7.45
C LEU A 197 12.39 7.73 -6.31
N GLN A 198 12.09 8.99 -6.61
CA GLN A 198 11.64 9.94 -5.56
C GLN A 198 10.13 9.87 -5.45
N ILE A 199 9.66 9.20 -4.40
CA ILE A 199 8.22 9.00 -4.20
C ILE A 199 7.83 9.39 -2.79
N ALA A 200 8.73 9.23 -1.81
CA ALA A 200 8.41 9.59 -0.45
C ALA A 200 8.23 11.11 -0.33
N ASP A 201 7.20 11.53 0.41
CA ASP A 201 6.93 12.96 0.52
C ASP A 201 8.09 13.68 1.21
N ILE A 202 8.37 14.91 0.76
CA ILE A 202 9.52 15.66 1.27
C ILE A 202 9.38 16.00 2.75
N SER A 203 8.17 15.94 3.29
CA SER A 203 7.99 16.21 4.72
C SER A 203 8.38 15.04 5.60
N PHE A 204 8.76 13.90 5.02
CA PHE A 204 9.16 12.71 5.77
C PHE A 204 10.64 12.47 5.61
N ALA A 205 11.30 12.04 6.71
CA ALA A 205 12.73 11.79 6.66
C ALA A 205 13.09 10.72 5.65
N ALA A 206 12.16 9.80 5.36
CA ALA A 206 12.46 8.76 4.39
C ALA A 206 12.75 9.33 3.00
N SER A 207 12.26 10.53 2.70
CA SER A 207 12.55 11.15 1.42
C SER A 207 14.05 11.41 1.24
N ALA A 208 14.77 11.59 2.35
CA ALA A 208 16.22 11.79 2.26
C ALA A 208 16.91 10.56 1.69
N ASN A 209 16.40 9.36 1.98
CA ASN A 209 16.98 8.16 1.39
C ASN A 209 17.08 8.29 -0.12
N GLU A 210 16.04 8.82 -0.74
CA GLU A 210 15.99 8.86 -2.20
C GLU A 210 16.74 10.08 -2.73
N ILE A 211 16.43 11.25 -2.20
CA ILE A 211 17.02 12.50 -2.71
C ILE A 211 18.52 12.49 -2.55
N TRP A 212 19.01 12.26 -1.32
CA TRP A 212 20.41 12.55 -1.04
C TRP A 212 21.33 11.37 -1.35
N MET A 213 20.87 10.12 -1.25
CA MET A 213 21.69 9.03 -1.74
C MET A 213 21.93 9.14 -3.24
N ALA A 214 20.95 9.66 -3.98
CA ALA A 214 21.16 9.89 -5.41
C ALA A 214 22.13 11.04 -5.65
N LEU A 215 21.75 12.25 -5.22
CA LEU A 215 22.46 13.45 -5.65
C LEU A 215 23.81 13.64 -4.98
N LEU A 216 24.07 13.00 -3.84
CA LEU A 216 25.39 13.12 -3.25
C LEU A 216 26.32 11.99 -3.65
N THR A 217 25.88 11.06 -4.54
CA THR A 217 26.75 10.01 -5.04
C THR A 217 26.97 10.06 -6.55
N GLY A 218 26.32 10.95 -7.27
CA GLY A 218 26.46 10.97 -8.71
C GLY A 218 25.44 10.12 -9.43
N ALA A 219 24.51 9.52 -8.70
CA ALA A 219 23.46 8.68 -9.25
C ALA A 219 22.35 9.55 -9.82
N CYS A 220 21.38 8.89 -10.44
CA CYS A 220 20.25 9.52 -11.08
C CYS A 220 19.03 9.44 -10.16
N LEU A 221 18.30 10.55 -10.04
CA LEU A 221 17.04 10.59 -9.29
C LEU A 221 15.91 10.78 -10.29
N THR A 222 15.09 9.75 -10.49
CA THR A 222 13.89 9.93 -11.29
C THR A 222 12.72 10.22 -10.36
N ILE A 223 11.92 11.21 -10.75
CA ILE A 223 10.98 11.89 -9.86
C ILE A 223 9.59 11.40 -10.20
N ALA A 224 8.89 10.85 -9.21
CA ALA A 224 7.53 10.40 -9.45
C ALA A 224 6.60 11.60 -9.68
N PRO A 225 5.52 11.42 -10.43
CA PRO A 225 4.58 12.52 -10.61
C PRO A 225 4.02 12.95 -9.27
N PRO A 226 3.67 14.23 -9.13
CA PRO A 226 3.10 14.70 -7.86
C PRO A 226 1.74 14.07 -7.61
N GLY A 227 1.34 14.10 -6.34
CA GLY A 227 0.08 13.53 -5.92
C GLY A 227 0.23 12.16 -5.30
N LEU A 228 -0.89 11.41 -5.29
CA LEU A 228 -0.93 10.09 -4.68
C LEU A 228 -0.34 9.04 -5.63
N PRO A 229 0.22 7.96 -5.08
CA PRO A 229 0.90 6.97 -5.93
C PRO A 229 -0.02 6.37 -6.99
N ASP A 230 0.47 6.35 -8.23
CA ASP A 230 -0.17 5.68 -9.36
C ASP A 230 0.73 4.50 -9.70
N LEU A 231 0.36 3.31 -9.20
CA LEU A 231 1.24 2.12 -9.34
C LEU A 231 1.51 1.75 -10.80
N MET A 232 0.56 2.01 -11.69
CA MET A 232 0.78 1.67 -13.12
C MET A 232 1.89 2.57 -13.66
N ALA A 233 1.83 3.86 -13.35
CA ALA A 233 2.87 4.81 -13.83
C ALA A 233 4.21 4.48 -13.14
N LEU A 234 4.17 4.20 -11.84
CA LEU A 234 5.41 3.89 -11.13
C LEU A 234 6.09 2.66 -11.71
N ALA A 235 5.31 1.62 -12.04
CA ALA A 235 5.90 0.43 -12.64
C ALA A 235 6.53 0.73 -13.98
N ARG A 236 5.84 1.52 -14.82
CA ARG A 236 6.42 1.92 -16.10
C ARG A 236 7.65 2.79 -15.88
N GLN A 237 7.61 3.66 -14.86
CA GLN A 237 8.75 4.54 -14.60
C GLN A 237 9.95 3.75 -14.07
N ILE A 238 9.71 2.77 -13.20
CA ILE A 238 10.80 1.94 -12.70
C ILE A 238 11.49 1.24 -13.85
N GLU A 239 10.72 0.75 -14.81
CA GLU A 239 11.29 0.04 -15.94
C GLU A 239 11.96 1.01 -16.92
N SER A 240 11.25 2.08 -17.30
CA SER A 240 11.71 2.92 -18.40
C SER A 240 12.90 3.79 -18.01
N ASP A 241 13.06 4.09 -16.72
CA ASP A 241 14.22 4.84 -16.25
C ASP A 241 15.25 3.94 -15.57
N ASN A 242 15.00 2.64 -15.51
CA ASN A 242 15.95 1.67 -14.95
C ASN A 242 16.31 2.03 -13.51
N VAL A 243 15.27 2.12 -12.67
CA VAL A 243 15.49 2.27 -11.24
C VAL A 243 16.19 1.02 -10.73
N THR A 244 17.29 1.21 -10.01
CA THR A 244 18.07 0.12 -9.45
C THR A 244 18.01 0.05 -7.93
N MET A 245 17.71 1.17 -7.26
CA MET A 245 17.61 1.25 -5.81
C MET A 245 16.22 1.77 -5.47
N LEU A 246 15.35 0.90 -4.98
CA LEU A 246 13.96 1.22 -4.75
C LEU A 246 13.67 1.25 -3.25
N PHE A 247 13.35 2.43 -2.72
CA PHE A 247 12.94 2.58 -1.32
C PHE A 247 11.42 2.63 -1.23
N LEU A 248 10.84 1.80 -0.37
CA LEU A 248 9.39 1.72 -0.26
C LEU A 248 8.94 1.81 1.19
N SER A 249 7.82 2.51 1.40
CA SER A 249 7.14 2.36 2.67
C SER A 249 6.45 1.00 2.73
N GLY A 250 5.98 0.64 3.94
CA GLY A 250 5.28 -0.63 4.11
C GLY A 250 4.02 -0.72 3.28
N GLY A 251 3.33 0.41 3.10
CA GLY A 251 2.09 0.39 2.32
C GLY A 251 2.35 0.12 0.85
N LEU A 252 3.33 0.81 0.27
CA LEU A 252 3.63 0.62 -1.14
C LEU A 252 4.21 -0.75 -1.40
N PHE A 253 5.06 -1.24 -0.49
CA PHE A 253 5.61 -2.59 -0.62
C PHE A 253 4.49 -3.62 -0.59
N ARG A 254 3.63 -3.55 0.42
CA ARG A 254 2.56 -4.52 0.55
C ARG A 254 1.65 -4.50 -0.67
N LEU A 255 1.28 -3.29 -1.13
CA LEU A 255 0.40 -3.22 -2.30
C LEU A 255 1.07 -3.81 -3.52
N PHE A 256 2.36 -3.53 -3.72
CA PHE A 256 3.07 -4.11 -4.85
C PHE A 256 3.14 -5.63 -4.74
N VAL A 257 3.42 -6.15 -3.54
CA VAL A 257 3.44 -7.60 -3.37
C VAL A 257 2.08 -8.19 -3.76
N GLU A 258 1.00 -7.47 -3.47
CA GLU A 258 -0.34 -8.00 -3.69
C GLU A 258 -0.79 -7.89 -5.15
N VAL A 259 -0.37 -6.86 -5.90
CA VAL A 259 -0.90 -6.66 -7.24
C VAL A 259 0.14 -6.80 -8.34
N SER A 260 1.44 -6.65 -8.06
CA SER A 260 2.44 -6.88 -9.11
C SER A 260 3.82 -7.06 -8.53
N VAL A 261 4.01 -8.26 -7.95
CA VAL A 261 5.23 -8.55 -7.23
C VAL A 261 6.44 -8.51 -8.16
N GLU A 262 6.23 -8.81 -9.44
CA GLU A 262 7.37 -8.87 -10.40
C GLU A 262 8.03 -7.49 -10.56
N THR A 263 7.27 -6.41 -10.36
CA THR A 263 7.85 -5.07 -10.46
C THR A 263 8.98 -4.88 -9.46
N LEU A 264 8.86 -5.48 -8.28
CA LEU A 264 9.89 -5.36 -7.26
C LEU A 264 11.22 -5.98 -7.67
N HIS A 265 11.26 -6.78 -8.72
CA HIS A 265 12.50 -7.43 -9.10
C HIS A 265 13.13 -6.85 -10.34
N ILE A 266 12.60 -5.71 -10.82
CA ILE A 266 13.27 -4.91 -11.84
C ILE A 266 14.48 -4.21 -11.23
N PRO A 267 14.37 -3.56 -10.04
CA PRO A 267 15.58 -2.96 -9.45
C PRO A 267 16.57 -4.01 -8.98
N ASP A 268 17.72 -3.56 -8.49
CA ASP A 268 18.70 -4.47 -7.88
C ASP A 268 18.43 -4.67 -6.39
N CYS A 269 18.03 -3.60 -5.71
CA CYS A 269 17.78 -3.64 -4.28
C CYS A 269 16.46 -2.93 -3.99
N VAL A 270 15.72 -3.50 -3.04
CA VAL A 270 14.44 -2.96 -2.59
C VAL A 270 14.51 -2.84 -1.08
N VAL A 271 14.30 -1.64 -0.55
CA VAL A 271 14.40 -1.40 0.89
C VAL A 271 13.04 -0.98 1.41
N VAL A 272 12.53 -1.75 2.37
CA VAL A 272 11.23 -1.51 2.99
C VAL A 272 11.48 -1.01 4.40
N SER A 273 11.01 0.20 4.70
CA SER A 273 11.27 0.83 5.98
C SER A 273 10.01 1.49 6.51
N GLY A 274 10.01 1.77 7.81
CA GLY A 274 9.02 2.63 8.42
C GLY A 274 8.16 1.96 9.46
N ASP A 275 8.08 0.63 9.48
CA ASP A 275 7.19 -0.06 10.39
C ASP A 275 7.47 -1.55 10.28
N PHE A 276 6.83 -2.32 11.14
CA PHE A 276 6.87 -3.77 11.02
C PHE A 276 6.16 -4.20 9.74
N VAL A 277 6.70 -5.22 9.09
CA VAL A 277 6.10 -5.78 7.89
C VAL A 277 5.81 -7.23 8.17
N ASN A 278 4.62 -7.67 7.77
CA ASN A 278 4.28 -9.08 7.89
C ASN A 278 5.38 -9.92 7.25
N PRO A 279 6.02 -10.82 8.00
CA PRO A 279 7.10 -11.63 7.41
C PRO A 279 6.68 -12.39 6.18
N ARG A 280 5.40 -12.77 6.09
CA ARG A 280 4.92 -13.49 4.91
C ARG A 280 5.05 -12.67 3.64
N LEU A 281 4.89 -11.35 3.74
CA LEU A 281 5.07 -10.48 2.58
C LEU A 281 6.50 -10.53 2.08
N PHE A 282 7.46 -10.49 3.00
CA PHE A 282 8.86 -10.66 2.62
C PHE A 282 9.07 -12.01 1.95
N SER A 283 8.44 -13.06 2.47
CA SER A 283 8.68 -14.36 1.84
C SER A 283 8.11 -14.42 0.43
N VAL A 284 6.95 -13.82 0.16
CA VAL A 284 6.45 -13.79 -1.21
C VAL A 284 7.39 -13.02 -2.12
N ALA A 285 7.87 -11.85 -1.66
CA ALA A 285 8.72 -11.02 -2.48
C ALA A 285 10.05 -11.70 -2.77
N VAL A 286 10.68 -12.28 -1.74
CA VAL A 286 11.99 -12.93 -1.86
C VAL A 286 11.94 -14.09 -2.85
N GLN A 287 10.81 -14.80 -2.89
CA GLN A 287 10.71 -15.97 -3.74
C GLN A 287 10.30 -15.65 -5.17
N ALA A 288 10.02 -14.39 -5.49
CA ALA A 288 9.51 -14.02 -6.80
C ALA A 288 10.59 -13.55 -7.77
N GLY A 289 11.82 -13.41 -7.33
CA GLY A 289 12.87 -12.88 -8.19
C GLY A 289 14.17 -12.78 -7.43
N LYS A 290 15.19 -12.28 -8.12
CA LYS A 290 16.58 -12.22 -7.58
C LYS A 290 16.94 -10.83 -7.03
N ALA A 291 15.99 -9.90 -6.96
CA ALA A 291 16.32 -8.58 -6.39
C ALA A 291 16.60 -8.78 -4.89
N LYS A 292 17.50 -7.97 -4.32
CA LYS A 292 17.81 -8.05 -2.87
C LYS A 292 16.74 -7.25 -2.12
N ILE A 293 15.98 -7.92 -1.25
CA ILE A 293 14.92 -7.29 -0.46
C ILE A 293 15.42 -7.08 0.95
N PHE A 294 15.35 -5.84 1.44
CA PHE A 294 15.83 -5.50 2.77
C PHE A 294 14.69 -5.00 3.65
N ASN A 295 14.75 -5.35 4.93
CA ASN A 295 14.02 -4.65 5.99
C ASN A 295 14.92 -3.53 6.49
N GLY A 296 14.44 -2.30 6.44
CA GLY A 296 15.25 -1.13 6.79
C GLY A 296 14.65 -0.39 7.96
N LEU A 297 15.51 0.08 8.86
CA LEU A 297 15.08 0.89 9.98
C LEU A 297 15.55 2.32 9.79
N GLY A 298 14.63 3.26 9.93
CA GLY A 298 14.99 4.66 10.00
C GLY A 298 14.14 5.35 11.03
N CYS A 299 14.65 6.49 11.51
N CYS A 299 14.61 6.51 11.47
CA CYS A 299 13.94 7.39 12.42
CA CYS A 299 13.79 7.37 12.29
C CYS A 299 14.22 8.82 12.01
C CYS A 299 14.20 8.81 12.05
N THR A 300 13.22 9.70 12.19
CA THR A 300 13.43 11.12 11.92
C THR A 300 14.61 11.66 12.71
N GLU A 301 14.74 11.23 13.97
CA GLU A 301 15.81 11.73 14.84
C GLU A 301 17.20 11.24 14.43
N ASN A 302 17.30 10.28 13.50
CA ASN A 302 18.58 9.94 12.90
C ASN A 302 18.65 10.32 11.43
N SER A 303 17.78 11.25 11.00
CA SER A 303 18.00 11.90 9.71
C SER A 303 17.45 11.16 8.50
N ALA A 304 17.68 9.85 8.47
CA ALA A 304 17.45 9.06 7.25
C ALA A 304 17.56 7.58 7.60
N ILE A 305 17.55 6.73 6.57
CA ILE A 305 17.68 5.29 6.77
C ILE A 305 18.92 5.01 7.59
N SER A 306 18.82 4.06 8.52
CA SER A 306 19.85 3.89 9.53
C SER A 306 20.45 2.48 9.61
N SER A 307 19.69 1.44 9.29
CA SER A 307 20.05 0.03 9.40
C SER A 307 19.50 -0.70 8.17
N LEU A 308 20.12 -1.81 7.75
CA LEU A 308 19.58 -2.66 6.70
C LEU A 308 19.75 -4.12 7.06
N TYR A 309 18.70 -4.92 6.84
CA TYR A 309 18.77 -6.38 6.95
C TYR A 309 18.37 -7.03 5.64
N HIS A 310 19.30 -7.78 5.05
CA HIS A 310 19.03 -8.48 3.80
C HIS A 310 18.28 -9.77 4.11
N ILE A 311 17.10 -9.93 3.54
CA ILE A 311 16.29 -11.12 3.75
C ILE A 311 16.70 -12.17 2.72
N GLN A 312 17.12 -13.33 3.21
CA GLN A 312 17.53 -14.43 2.33
C GLN A 312 16.65 -15.66 2.45
N SER A 313 16.26 -16.07 3.67
CA SER A 313 15.70 -17.39 3.86
C SER A 313 14.28 -17.38 4.43
N ALA A 314 13.87 -18.53 4.97
CA ALA A 314 12.56 -18.71 5.59
C ALA A 314 12.62 -18.69 7.11
N ALA A 315 13.68 -19.19 7.71
CA ALA A 315 13.83 -19.21 9.16
C ALA A 315 13.96 -17.79 9.73
N SER A 321 9.02 -14.69 14.59
CA SER A 321 9.40 -13.39 15.14
C SER A 321 9.52 -12.35 14.03
N PRO A 322 9.46 -11.08 14.39
CA PRO A 322 9.70 -10.02 13.40
C PRO A 322 11.07 -10.14 12.76
N VAL A 323 11.15 -9.70 11.51
CA VAL A 323 12.42 -9.71 10.77
C VAL A 323 13.39 -8.76 11.44
N PRO A 324 14.69 -9.09 11.53
CA PRO A 324 15.65 -8.15 12.11
C PRO A 324 15.75 -6.88 11.27
N VAL A 325 16.16 -5.79 11.93
CA VAL A 325 16.48 -4.56 11.21
C VAL A 325 17.96 -4.47 10.87
N GLY A 326 18.77 -5.44 11.30
CA GLY A 326 20.08 -5.62 10.73
C GLY A 326 21.18 -4.75 11.30
N THR A 327 22.08 -4.30 10.43
CA THR A 327 23.33 -3.66 10.80
C THR A 327 23.38 -2.22 10.28
N PRO A 328 24.00 -1.32 11.03
CA PRO A 328 23.88 0.11 10.73
C PRO A 328 24.61 0.51 9.44
N LEU A 329 24.15 1.62 8.87
CA LEU A 329 24.78 2.22 7.70
C LEU A 329 26.13 2.83 8.10
N PRO A 330 26.93 3.27 7.13
CA PRO A 330 28.20 3.95 7.45
C PRO A 330 28.01 5.11 8.42
N LEU A 331 28.87 5.16 9.44
CA LEU A 331 28.92 6.23 10.43
C LEU A 331 27.74 6.22 11.39
N VAL A 332 27.02 5.10 11.41
CA VAL A 332 25.89 4.95 12.36
C VAL A 332 26.26 3.84 13.34
N GLU A 333 25.97 4.05 14.62
CA GLU A 333 26.21 3.02 15.65
C GLU A 333 24.87 2.74 16.32
N MET A 334 24.50 1.47 16.40
CA MET A 334 23.23 1.05 17.03
C MET A 334 23.56 0.11 18.18
N VAL A 335 22.99 0.39 19.34
CA VAL A 335 23.24 -0.37 20.56
C VAL A 335 21.91 -0.58 21.28
N VAL A 336 21.68 -1.79 21.74
CA VAL A 336 20.52 -2.09 22.58
C VAL A 336 20.98 -1.99 24.02
N PHE A 337 20.47 -0.99 24.74
CA PHE A 337 20.79 -0.77 26.14
C PHE A 337 19.66 -1.25 27.05
N ASN A 338 20.01 -1.92 28.13
CA ASN A 338 19.02 -2.34 29.12
C ASN A 338 18.71 -1.18 30.06
N GLU A 339 17.96 -1.46 31.12
CA GLU A 339 17.48 -0.41 32.01
C GLU A 339 18.61 0.32 32.74
N ARG A 340 19.79 -0.30 32.83
CA ARG A 340 20.92 0.31 33.50
C ARG A 340 21.95 0.87 32.52
N LEU A 341 21.52 1.21 31.31
CA LEU A 341 22.39 1.77 30.28
C LEU A 341 23.61 0.89 30.03
N GLN A 342 23.40 -0.43 30.09
CA GLN A 342 24.39 -1.45 29.78
C GLN A 342 24.04 -2.16 28.47
N PRO A 343 25.04 -2.38 27.61
CA PRO A 343 24.79 -3.10 26.36
C PRO A 343 24.21 -4.48 26.63
N CYS A 344 23.18 -4.82 25.86
CA CYS A 344 22.48 -6.06 26.19
C CYS A 344 23.17 -7.27 25.56
N THR A 345 22.96 -8.40 26.22
CA THR A 345 23.44 -9.67 25.69
C THR A 345 22.51 -10.15 24.57
N CYS A 346 22.92 -11.24 23.92
CA CYS A 346 22.09 -11.85 22.89
C CYS A 346 20.88 -12.52 23.54
N GLY A 347 19.68 -12.02 23.22
CA GLY A 347 18.45 -12.49 23.81
C GLY A 347 17.90 -11.59 24.90
N GLU A 348 18.74 -10.76 25.51
CA GLU A 348 18.30 -9.82 26.55
C GLU A 348 17.55 -8.67 25.91
N TYR A 349 16.46 -8.24 26.53
CA TYR A 349 15.68 -7.16 25.94
C TYR A 349 16.10 -5.82 26.52
N GLY A 350 15.98 -4.81 25.68
CA GLY A 350 16.30 -3.45 26.05
C GLY A 350 15.67 -2.47 25.09
N GLU A 351 16.29 -1.29 24.97
CA GLU A 351 15.82 -0.24 24.09
C GLU A 351 16.91 0.10 23.09
N LEU A 352 16.51 0.30 21.84
CA LEU A 352 17.48 0.68 20.81
C LEU A 352 17.90 2.13 21.00
N PHE A 353 19.21 2.36 20.99
CA PHE A 353 19.82 3.70 21.01
C PHE A 353 20.66 3.84 19.75
N ILE A 354 20.66 5.02 19.16
CA ILE A 354 21.36 5.25 17.91
C ILE A 354 22.35 6.41 18.09
N ALA A 355 23.56 6.22 17.60
CA ALA A 355 24.58 7.27 17.68
C ALA A 355 25.23 7.44 16.31
N GLY A 356 26.11 8.44 16.21
CA GLY A 356 26.86 8.68 15.00
C GLY A 356 26.37 9.87 14.19
N ALA A 357 26.71 9.84 12.90
CA ALA A 357 26.58 11.00 12.03
C ALA A 357 25.13 11.42 11.80
N GLY A 358 24.18 10.51 11.96
CA GLY A 358 22.80 10.83 11.68
C GLY A 358 22.05 11.52 12.80
N VAL A 359 22.59 11.52 14.02
CA VAL A 359 21.82 11.98 15.17
C VAL A 359 21.49 13.45 15.00
N ALA A 360 20.21 13.77 15.18
CA ALA A 360 19.70 15.12 14.99
C ALA A 360 20.32 16.08 16.01
N LEU A 361 20.17 17.37 15.74
CA LEU A 361 20.69 18.36 16.69
C LEU A 361 19.83 18.42 17.95
N GLY A 362 18.56 18.06 17.85
CA GLY A 362 17.67 18.03 18.98
C GLY A 362 16.25 18.33 18.55
N TYR A 363 15.38 18.51 19.54
CA TYR A 363 14.02 18.98 19.35
C TYR A 363 13.94 20.47 19.61
N SER A 364 12.84 21.08 19.16
CA SER A 364 12.56 22.45 19.55
C SER A 364 12.28 22.55 21.05
N ASP A 365 11.78 21.48 21.65
CA ASP A 365 11.58 21.44 23.10
C ASP A 365 12.89 21.04 23.78
N PRO A 366 13.47 21.91 24.62
CA PRO A 366 14.75 21.54 25.25
C PRO A 366 14.61 20.46 26.32
N GLN A 367 13.46 20.40 27.00
CA GLN A 367 13.29 19.36 28.02
C GLN A 367 13.19 17.98 27.38
N LEU A 368 12.47 17.86 26.26
CA LEU A 368 12.41 16.58 25.55
C LEU A 368 13.77 16.21 24.97
N THR A 369 14.53 17.19 24.47
CA THR A 369 15.85 16.91 23.92
C THR A 369 16.74 16.25 24.97
N ALA A 370 16.76 16.80 26.19
CA ALA A 370 17.63 16.23 27.22
C ALA A 370 17.17 14.84 27.65
N GLU A 371 15.88 14.53 27.50
CA GLU A 371 15.39 13.20 27.84
C GLU A 371 15.84 12.17 26.80
N ARG A 372 15.81 12.54 25.52
CA ARG A 372 15.95 11.57 24.45
C ARG A 372 17.31 11.61 23.75
N PHE A 373 18.12 12.62 24.00
CA PHE A 373 19.48 12.68 23.49
C PHE A 373 20.40 12.70 24.71
N ILE A 374 21.00 11.55 25.02
CA ILE A 374 21.78 11.39 26.23
C ILE A 374 23.16 10.87 25.86
N THR A 375 24.15 11.29 26.63
CA THR A 375 25.55 10.92 26.38
C THR A 375 25.90 9.74 27.25
N ILE A 376 26.43 8.69 26.64
CA ILE A 376 26.74 7.44 27.33
C ILE A 376 28.15 7.00 26.94
N PRO A 377 29.03 6.71 27.89
CA PRO A 377 30.32 6.13 27.53
C PRO A 377 30.11 4.75 26.91
N TYR A 378 30.65 4.56 25.71
CA TYR A 378 30.48 3.31 25.01
C TYR A 378 31.71 3.05 24.15
N GLN A 379 32.40 1.94 24.46
CA GLN A 379 33.58 1.52 23.71
C GLN A 379 34.64 2.61 23.66
N GLY A 380 34.85 3.27 24.80
CA GLY A 380 35.91 4.25 24.93
C GLY A 380 35.55 5.66 24.50
N THR A 381 34.34 5.89 24.02
CA THR A 381 33.92 7.19 23.55
C THR A 381 32.68 7.63 24.31
N ASP A 382 32.68 8.87 24.79
CA ASP A 382 31.49 9.49 25.35
C ASP A 382 30.57 9.87 24.20
N MET A 383 29.61 8.99 23.91
CA MET A 383 28.84 9.03 22.69
C MET A 383 27.46 9.63 22.92
N LEU A 384 27.05 10.54 22.04
CA LEU A 384 25.68 11.05 22.08
C LEU A 384 24.75 10.05 21.40
N PHE A 385 23.73 9.61 22.12
CA PHE A 385 22.77 8.63 21.64
C PHE A 385 21.37 9.22 21.60
N TYR A 386 20.62 8.88 20.57
CA TYR A 386 19.18 9.11 20.54
C TYR A 386 18.46 7.88 21.08
N ARG A 387 17.56 8.08 22.05
CA ARG A 387 16.74 6.99 22.60
C ARG A 387 15.51 6.79 21.73
N THR A 388 15.44 5.65 21.03
CA THR A 388 14.38 5.43 20.04
C THR A 388 13.03 5.11 20.65
N ASP A 389 12.99 4.62 21.89
CA ASP A 389 11.77 4.10 22.50
C ASP A 389 11.27 2.84 21.78
N ASP A 390 12.15 2.17 21.04
CA ASP A 390 11.84 0.91 20.38
C ASP A 390 12.45 -0.24 21.19
N ARG A 391 11.60 -1.16 21.67
CA ARG A 391 12.09 -2.32 22.38
C ARG A 391 12.82 -3.26 21.42
N ALA A 392 13.91 -3.87 21.88
CA ALA A 392 14.78 -4.57 20.97
C ALA A 392 15.66 -5.56 21.72
N THR A 393 16.36 -6.38 20.94
CA THR A 393 17.41 -7.27 21.43
C THR A 393 18.28 -7.65 20.24
N TYR A 394 19.24 -8.52 20.48
CA TYR A 394 20.12 -9.05 19.45
C TYR A 394 19.74 -10.49 19.15
N ASP A 395 20.01 -10.94 17.93
CA ASP A 395 19.91 -12.34 17.59
C ASP A 395 21.30 -12.97 17.65
N GLN A 396 21.38 -14.26 17.28
CA GLN A 396 22.66 -15.01 17.36
C GLN A 396 23.75 -14.32 16.53
N ASP A 397 23.42 -13.77 15.37
CA ASP A 397 24.45 -13.13 14.49
C ASP A 397 24.68 -11.66 14.84
N ARG A 398 24.17 -11.20 15.99
CA ARG A 398 24.33 -9.83 16.41
C ARG A 398 23.45 -8.85 15.62
N ASN A 399 22.59 -9.35 14.74
CA ASN A 399 21.62 -8.48 14.08
C ASN A 399 20.67 -7.92 15.14
N ILE A 400 20.27 -6.68 14.96
CA ILE A 400 19.32 -6.05 15.86
C ILE A 400 17.91 -6.39 15.38
N VAL A 401 17.02 -6.72 16.32
CA VAL A 401 15.63 -7.06 16.05
C VAL A 401 14.73 -6.20 16.94
N LEU A 402 13.85 -5.41 16.34
CA LEU A 402 12.88 -4.64 17.14
C LEU A 402 11.76 -5.61 17.48
N VAL A 403 11.26 -5.59 18.69
CA VAL A 403 10.22 -6.59 19.06
C VAL A 403 8.91 -5.89 19.39
N GLY A 404 8.82 -4.61 19.13
CA GLY A 404 7.59 -3.90 19.48
C GLY A 404 7.25 -4.04 20.95
N LEU B 12 -32.65 -19.10 -0.88
CA LEU B 12 -31.86 -18.36 -1.86
C LEU B 12 -32.08 -18.88 -3.28
N LYS B 13 -32.09 -17.94 -4.22
CA LYS B 13 -32.17 -18.26 -5.64
C LYS B 13 -30.80 -18.11 -6.27
N ALA B 14 -30.68 -18.61 -7.50
CA ALA B 14 -29.44 -18.45 -8.24
C ALA B 14 -29.21 -16.98 -8.59
N VAL B 15 -27.93 -16.63 -8.82
CA VAL B 15 -27.56 -15.24 -9.08
C VAL B 15 -28.35 -14.62 -10.23
N PRO B 16 -28.51 -15.27 -11.39
CA PRO B 16 -29.32 -14.63 -12.45
C PRO B 16 -30.74 -14.33 -12.03
N ASP B 17 -31.39 -15.25 -11.30
CA ASP B 17 -32.76 -15.02 -10.88
C ASP B 17 -32.85 -13.85 -9.90
N ILE B 18 -31.86 -13.72 -9.02
CA ILE B 18 -31.85 -12.59 -8.09
C ILE B 18 -31.64 -11.29 -8.84
N PHE B 19 -30.72 -11.28 -9.80
CA PHE B 19 -30.49 -10.06 -10.56
C PHE B 19 -31.73 -9.70 -11.39
N ASP B 20 -32.52 -10.69 -11.79
CA ASP B 20 -33.78 -10.40 -12.48
C ASP B 20 -34.76 -9.67 -11.57
N GLU B 21 -34.92 -10.15 -10.33
CA GLU B 21 -35.87 -9.47 -9.47
C GLU B 21 -35.37 -8.08 -9.08
N ILE B 22 -34.06 -7.89 -8.92
CA ILE B 22 -33.51 -6.58 -8.59
C ILE B 22 -33.74 -5.59 -9.73
N SER B 23 -33.45 -6.01 -10.95
CA SER B 23 -33.57 -5.10 -12.08
C SER B 23 -35.02 -4.69 -12.31
N GLN B 24 -35.97 -5.56 -11.98
CA GLN B 24 -37.38 -5.23 -12.12
C GLN B 24 -37.91 -4.41 -10.94
N ARG B 25 -37.21 -4.41 -9.81
CA ARG B 25 -37.57 -3.59 -8.68
C ARG B 25 -36.92 -2.20 -8.72
N PHE B 26 -35.70 -2.10 -9.27
CA PHE B 26 -34.96 -0.84 -9.32
C PHE B 26 -34.48 -0.55 -10.73
N PRO B 27 -35.40 -0.54 -11.71
CA PRO B 27 -34.94 -0.51 -13.11
C PRO B 27 -34.18 0.75 -13.47
N ASP B 28 -34.51 1.88 -12.88
CA ASP B 28 -33.89 3.14 -13.23
C ASP B 28 -32.82 3.58 -12.23
N ARG B 29 -32.44 2.70 -11.30
CA ARG B 29 -31.25 2.95 -10.50
C ARG B 29 -30.02 2.65 -11.33
N VAL B 30 -28.93 3.33 -11.02
CA VAL B 30 -27.69 3.12 -11.75
C VAL B 30 -27.03 1.85 -11.21
N ALA B 31 -26.73 0.91 -12.10
CA ALA B 31 -26.08 -0.35 -11.73
C ALA B 31 -24.58 -0.30 -11.89
N LEU B 32 -24.10 0.29 -12.99
CA LEU B 32 -22.67 0.37 -13.29
C LEU B 32 -22.27 1.79 -13.65
N ILE B 33 -21.07 2.19 -13.22
CA ILE B 33 -20.45 3.42 -13.66
C ILE B 33 -19.05 3.09 -14.17
N PHE B 34 -18.72 3.59 -15.35
CA PHE B 34 -17.36 3.43 -15.94
C PHE B 34 -16.96 4.78 -16.53
N ASP B 35 -15.96 5.42 -15.93
CA ASP B 35 -15.58 6.80 -16.30
C ASP B 35 -16.81 7.66 -16.03
N GLN B 36 -17.45 8.21 -17.06
CA GLN B 36 -18.68 8.93 -16.80
C GLN B 36 -19.88 8.35 -17.56
N ARG B 37 -19.79 7.06 -17.86
CA ARG B 37 -20.87 6.32 -18.48
C ARG B 37 -21.67 5.60 -17.40
N LYS B 38 -22.96 5.86 -17.33
CA LYS B 38 -23.86 5.26 -16.35
C LYS B 38 -24.78 4.27 -17.03
N ILE B 39 -24.87 3.06 -16.48
CA ILE B 39 -25.72 1.99 -17.01
C ILE B 39 -26.74 1.63 -15.93
N THR B 40 -28.02 1.89 -16.20
CA THR B 40 -29.05 1.51 -15.26
C THR B 40 -29.26 0.00 -15.27
N TYR B 41 -29.99 -0.48 -14.25
CA TYR B 41 -30.36 -1.89 -14.19
C TYR B 41 -31.21 -2.29 -15.38
N ARG B 42 -32.14 -1.41 -15.78
CA ARG B 42 -32.97 -1.69 -16.94
C ARG B 42 -32.11 -1.95 -18.17
N GLU B 43 -31.12 -1.09 -18.40
CA GLU B 43 -30.21 -1.27 -19.52
C GLU B 43 -29.34 -2.52 -19.33
N LEU B 44 -28.79 -2.70 -18.14
CA LEU B 44 -27.92 -3.85 -17.88
C LEU B 44 -28.67 -5.16 -18.05
N ALA B 45 -29.93 -5.22 -17.64
CA ALA B 45 -30.70 -6.45 -17.78
C ALA B 45 -30.88 -6.82 -19.25
N GLU B 46 -31.14 -5.84 -20.10
CA GLU B 46 -31.32 -6.18 -21.51
C GLU B 46 -30.00 -6.55 -22.18
N GLN B 47 -28.88 -5.96 -21.77
CA GLN B 47 -27.59 -6.37 -22.32
C GLN B 47 -27.26 -7.80 -21.96
N CYS B 48 -27.57 -8.20 -20.71
N CYS B 48 -27.58 -8.22 -20.72
CA CYS B 48 -27.29 -9.58 -20.27
CA CYS B 48 -27.27 -9.57 -20.31
C CYS B 48 -28.07 -10.60 -21.10
C CYS B 48 -28.06 -10.59 -21.11
N SER B 49 -29.35 -10.31 -21.38
CA SER B 49 -30.14 -11.27 -22.13
C SER B 49 -29.73 -11.28 -23.60
N ALA B 50 -29.35 -10.13 -24.15
CA ALA B 50 -28.86 -10.10 -25.52
C ALA B 50 -27.54 -10.85 -25.66
N LEU B 51 -26.67 -10.73 -24.65
CA LEU B 51 -25.40 -11.46 -24.68
C LEU B 51 -25.60 -12.95 -24.42
N ALA B 52 -26.48 -13.29 -23.47
CA ALA B 52 -26.80 -14.69 -23.20
C ALA B 52 -27.19 -15.43 -24.49
N ALA B 53 -28.04 -14.82 -25.31
CA ALA B 53 -28.47 -15.49 -26.53
C ALA B 53 -27.31 -15.65 -27.52
N VAL B 54 -26.42 -14.67 -27.57
CA VAL B 54 -25.23 -14.77 -28.43
C VAL B 54 -24.35 -15.93 -27.97
N LEU B 55 -24.12 -16.02 -26.65
CA LEU B 55 -23.31 -17.10 -26.09
C LEU B 55 -23.89 -18.48 -26.43
N GLN B 56 -25.22 -18.62 -26.36
CA GLN B 56 -25.84 -19.88 -26.73
C GLN B 56 -25.67 -20.16 -28.21
N ASN B 57 -25.66 -19.12 -29.03
CA ASN B 57 -25.49 -19.28 -30.50
C ASN B 57 -24.06 -19.73 -30.80
N ASN B 58 -23.13 -19.51 -29.88
CA ASN B 58 -21.75 -19.94 -30.08
C ASN B 58 -21.45 -21.28 -29.43
N CYS B 59 -22.48 -22.13 -29.26
CA CYS B 59 -22.38 -23.52 -28.82
C CYS B 59 -21.98 -23.68 -27.37
N LEU B 60 -22.10 -22.63 -26.55
CA LEU B 60 -21.91 -22.83 -25.13
C LEU B 60 -23.19 -23.38 -24.50
N ILE B 61 -22.99 -24.37 -23.62
CA ILE B 61 -24.09 -25.14 -23.07
C ILE B 61 -23.97 -25.17 -21.55
N LYS B 62 -25.09 -25.48 -20.90
CA LYS B 62 -25.13 -25.50 -19.44
C LYS B 62 -24.08 -26.45 -18.90
N GLY B 63 -23.35 -26.01 -17.88
CA GLY B 63 -22.28 -26.78 -17.31
C GLY B 63 -20.91 -26.51 -17.88
N ASP B 64 -20.82 -25.86 -19.04
CA ASP B 64 -19.54 -25.51 -19.61
C ASP B 64 -18.71 -24.68 -18.62
N ILE B 65 -17.41 -24.87 -18.67
CA ILE B 65 -16.46 -24.16 -17.80
C ILE B 65 -15.74 -23.15 -18.66
N VAL B 66 -16.02 -21.86 -18.41
CA VAL B 66 -15.64 -20.78 -19.31
C VAL B 66 -14.74 -19.80 -18.55
N ALA B 67 -13.50 -19.64 -18.98
CA ALA B 67 -12.63 -18.63 -18.40
C ALA B 67 -12.86 -17.27 -19.05
N ILE B 68 -12.77 -16.23 -18.24
CA ILE B 68 -12.97 -14.85 -18.67
C ILE B 68 -11.69 -14.09 -18.36
N LYS B 69 -11.14 -13.44 -19.39
CA LYS B 69 -10.00 -12.56 -19.21
C LYS B 69 -10.37 -11.27 -19.93
N ILE B 70 -11.00 -10.35 -19.21
CA ILE B 70 -11.50 -9.10 -19.76
C ILE B 70 -11.14 -8.01 -18.76
N GLU B 71 -10.49 -6.95 -19.24
CA GLU B 71 -10.12 -5.88 -18.33
C GLU B 71 -11.36 -5.18 -17.81
N ARG B 72 -11.21 -4.50 -16.67
CA ARG B 72 -12.35 -3.84 -16.05
C ARG B 72 -13.01 -2.88 -17.03
N SER B 73 -14.32 -3.03 -17.19
CA SER B 73 -15.13 -2.37 -18.19
C SER B 73 -16.58 -2.79 -17.94
N PRO B 74 -17.58 -2.07 -18.47
CA PRO B 74 -18.95 -2.54 -18.31
C PRO B 74 -19.18 -3.91 -18.90
N GLU B 75 -18.47 -4.23 -19.99
CA GLU B 75 -18.67 -5.51 -20.66
C GLU B 75 -18.27 -6.69 -19.77
N LEU B 76 -17.26 -6.51 -18.92
CA LEU B 76 -16.81 -7.61 -18.06
C LEU B 76 -17.95 -8.16 -17.23
N TYR B 77 -18.74 -7.28 -16.62
CA TYR B 77 -19.82 -7.70 -15.74
C TYR B 77 -21.01 -8.20 -16.52
N ILE B 78 -21.19 -7.72 -17.75
CA ILE B 78 -22.24 -8.29 -18.60
C ILE B 78 -21.93 -9.75 -18.90
N PHE B 79 -20.66 -10.05 -19.16
CA PHE B 79 -20.28 -11.44 -19.41
C PHE B 79 -20.48 -12.28 -18.17
N MET B 80 -20.17 -11.72 -17.00
CA MET B 80 -20.40 -12.48 -15.77
C MET B 80 -21.87 -12.83 -15.62
N LEU B 81 -22.77 -11.87 -15.83
CA LEU B 81 -24.19 -12.15 -15.67
C LEU B 81 -24.70 -13.08 -16.77
N ALA B 82 -24.25 -12.88 -18.01
CA ALA B 82 -24.74 -13.69 -19.12
C ALA B 82 -24.25 -15.13 -19.01
N LEU B 83 -22.98 -15.33 -18.70
CA LEU B 83 -22.44 -16.68 -18.58
C LEU B 83 -23.16 -17.46 -17.48
N MET B 84 -23.42 -16.81 -16.36
CA MET B 84 -24.14 -17.50 -15.30
C MET B 84 -25.59 -17.74 -15.71
N LYS B 85 -26.15 -16.85 -16.53
CA LYS B 85 -27.53 -17.05 -16.97
C LYS B 85 -27.66 -18.32 -17.81
N ILE B 86 -26.66 -18.62 -18.64
CA ILE B 86 -26.71 -19.82 -19.49
C ILE B 86 -26.17 -21.03 -18.74
N GLY B 87 -26.00 -20.91 -17.43
CA GLY B 87 -25.61 -22.04 -16.63
C GLY B 87 -24.15 -22.44 -16.73
N ALA B 88 -23.33 -21.60 -17.33
CA ALA B 88 -21.90 -21.86 -17.38
C ALA B 88 -21.26 -21.57 -16.03
N VAL B 89 -20.09 -22.15 -15.82
CA VAL B 89 -19.29 -21.94 -14.62
C VAL B 89 -18.12 -21.07 -15.03
N MET B 90 -18.10 -19.82 -14.55
CA MET B 90 -17.05 -18.93 -14.98
C MET B 90 -15.77 -19.16 -14.19
N VAL B 91 -14.65 -18.93 -14.86
CA VAL B 91 -13.33 -18.98 -14.24
C VAL B 91 -12.63 -17.65 -14.53
N PRO B 92 -12.78 -16.65 -13.67
CA PRO B 92 -12.17 -15.35 -13.97
C PRO B 92 -10.65 -15.44 -13.88
N VAL B 93 -9.99 -14.70 -14.77
CA VAL B 93 -8.54 -14.72 -14.91
C VAL B 93 -8.00 -13.31 -14.75
N ASN B 94 -6.92 -13.16 -14.00
CA ASN B 94 -6.28 -11.86 -13.84
C ASN B 94 -5.78 -11.37 -15.20
N SER B 95 -6.21 -10.17 -15.58
CA SER B 95 -5.84 -9.61 -16.88
C SER B 95 -4.35 -9.34 -16.99
N ASN B 96 -3.61 -9.45 -15.89
CA ASN B 96 -2.14 -9.19 -15.89
C ASN B 96 -1.37 -10.51 -15.86
N SER B 97 -2.07 -11.63 -15.70
CA SER B 97 -1.42 -12.98 -15.62
C SER B 97 -0.70 -13.35 -16.92
N PRO B 98 0.49 -13.98 -16.84
CA PRO B 98 1.23 -14.44 -18.01
C PRO B 98 0.61 -15.72 -18.56
N GLU B 99 0.85 -16.01 -19.85
CA GLU B 99 0.25 -17.19 -20.51
C GLU B 99 0.53 -18.48 -19.72
N ARG B 100 1.69 -18.59 -19.07
CA ARG B 100 1.98 -19.86 -18.39
C ARG B 100 1.05 -20.08 -17.20
N TYR B 101 0.69 -19.01 -16.49
CA TYR B 101 -0.26 -19.16 -15.40
C TYR B 101 -1.68 -19.32 -15.92
N ILE B 102 -2.01 -18.70 -17.06
CA ILE B 102 -3.32 -18.88 -17.66
C ILE B 102 -3.54 -20.35 -18.01
N GLY B 103 -2.52 -21.00 -18.58
CA GLY B 103 -2.65 -22.41 -18.89
C GLY B 103 -2.90 -23.26 -17.66
N GLU B 104 -2.16 -22.98 -16.58
CA GLU B 104 -2.37 -23.73 -15.33
C GLU B 104 -3.79 -23.53 -14.80
N VAL B 105 -4.29 -22.29 -14.84
CA VAL B 105 -5.63 -22.03 -14.35
C VAL B 105 -6.68 -22.74 -15.21
N LEU B 106 -6.55 -22.63 -16.53
CA LEU B 106 -7.51 -23.31 -17.39
C LEU B 106 -7.47 -24.82 -17.18
N SER B 107 -6.27 -25.40 -17.07
CA SER B 107 -6.23 -26.84 -16.85
C SER B 107 -6.77 -27.21 -15.48
N ALA B 108 -6.47 -26.43 -14.44
CA ALA B 108 -6.94 -26.75 -13.09
C ALA B 108 -8.47 -26.77 -13.03
N ALA B 109 -9.11 -25.78 -13.63
CA ALA B 109 -10.57 -25.70 -13.64
C ALA B 109 -11.21 -26.63 -14.65
N GLY B 110 -10.42 -27.24 -15.54
CA GLY B 110 -11.01 -27.98 -16.64
C GLY B 110 -11.77 -27.09 -17.59
N ALA B 111 -11.27 -25.88 -17.85
CA ALA B 111 -11.95 -24.98 -18.78
C ALA B 111 -11.74 -25.46 -20.22
N ARG B 112 -12.80 -25.32 -21.03
CA ARG B 112 -12.70 -25.57 -22.47
C ARG B 112 -12.97 -24.33 -23.30
N TYR B 113 -13.28 -23.21 -22.67
CA TYR B 113 -13.50 -21.96 -23.38
C TYR B 113 -12.77 -20.84 -22.65
N LEU B 114 -12.20 -19.91 -23.43
CA LEU B 114 -11.62 -18.70 -22.90
C LEU B 114 -12.19 -17.52 -23.68
N ILE B 115 -12.86 -16.62 -22.99
CA ILE B 115 -13.37 -15.38 -23.58
C ILE B 115 -12.45 -14.26 -23.11
N SER B 116 -11.89 -13.52 -24.06
CA SER B 116 -10.95 -12.49 -23.65
C SER B 116 -10.95 -11.37 -24.67
N ASP B 117 -10.59 -10.19 -24.16
CA ASP B 117 -10.33 -9.02 -24.98
C ASP B 117 -8.89 -8.98 -25.49
N ASP B 118 -8.11 -10.04 -25.26
CA ASP B 118 -6.67 -10.03 -25.52
C ASP B 118 -6.28 -11.43 -26.01
N VAL B 119 -6.30 -11.61 -27.34
CA VAL B 119 -6.08 -12.90 -28.00
C VAL B 119 -4.60 -13.30 -27.97
N VAL B 122 -2.23 -16.33 -26.04
CA VAL B 122 -2.93 -17.60 -26.22
C VAL B 122 -2.14 -18.73 -25.58
N PRO B 123 -2.61 -19.41 -24.53
CA PRO B 123 -1.91 -20.62 -24.06
C PRO B 123 -2.36 -21.84 -24.85
N GLY B 124 -1.40 -22.64 -25.29
CA GLY B 124 -1.72 -23.80 -26.11
C GLY B 124 -2.44 -24.86 -25.29
N GLY B 125 -3.60 -25.28 -25.77
CA GLY B 125 -4.37 -26.31 -25.08
C GLY B 125 -5.66 -26.60 -25.81
N ALA B 126 -6.39 -27.58 -25.28
CA ALA B 126 -7.65 -28.00 -25.87
C ALA B 126 -8.79 -27.14 -25.32
N TRP B 127 -8.77 -25.87 -25.73
CA TRP B 127 -9.81 -24.93 -25.37
C TRP B 127 -10.05 -23.97 -26.52
N HIS B 128 -11.29 -23.55 -26.68
CA HIS B 128 -11.65 -22.56 -27.67
C HIS B 128 -11.37 -21.15 -27.14
N VAL B 129 -10.88 -20.28 -28.01
CA VAL B 129 -10.60 -18.89 -27.65
C VAL B 129 -11.57 -18.01 -28.40
N LEU B 130 -12.35 -17.22 -27.65
CA LEU B 130 -13.38 -16.36 -28.22
C LEU B 130 -13.07 -14.91 -27.90
N SER B 131 -13.38 -14.04 -28.85
CA SER B 131 -13.19 -12.60 -28.65
C SER B 131 -14.42 -12.01 -27.96
N SER B 132 -14.19 -11.38 -26.81
CA SER B 132 -15.26 -10.68 -26.08
C SER B 132 -15.87 -9.57 -26.93
N ARG B 133 -15.01 -8.82 -27.62
CA ARG B 133 -15.49 -7.70 -28.42
C ARG B 133 -16.40 -8.16 -29.55
N THR B 134 -16.09 -9.31 -30.18
CA THR B 134 -16.94 -9.76 -31.28
C THR B 134 -18.28 -10.26 -30.76
N LEU B 135 -18.27 -10.97 -29.63
CA LEU B 135 -19.52 -11.42 -29.02
C LEU B 135 -20.40 -10.24 -28.66
N ILE B 136 -19.82 -9.17 -28.12
CA ILE B 136 -20.61 -7.98 -27.80
C ILE B 136 -21.18 -7.36 -29.07
N GLN B 137 -20.38 -7.34 -30.14
CA GLN B 137 -20.85 -6.75 -31.39
C GLN B 137 -22.03 -7.52 -31.98
N ASN B 138 -22.08 -8.83 -31.79
CA ASN B 138 -23.12 -9.65 -32.40
C ASN B 138 -24.41 -9.68 -31.60
N CYS B 139 -24.49 -8.89 -30.57
CA CYS B 139 -25.75 -8.82 -29.79
C CYS B 139 -26.79 -8.06 -30.62
N THR B 140 -27.99 -8.63 -30.77
CA THR B 140 -29.05 -8.01 -31.56
C THR B 140 -30.31 -7.87 -30.74
N GLN B 141 -31.45 -7.85 -31.43
CA GLN B 141 -32.79 -7.64 -30.83
C GLN B 141 -33.33 -8.92 -30.20
N GLN B 142 -32.73 -10.08 -30.48
CA GLN B 142 -33.25 -11.34 -29.86
C GLN B 142 -32.78 -11.40 -28.40
N ARG B 143 -33.67 -11.79 -27.47
CA ARG B 143 -33.26 -11.80 -26.04
C ARG B 143 -33.65 -13.13 -25.38
N SER B 144 -34.94 -13.48 -25.41
CA SER B 144 -35.40 -14.74 -24.80
C SER B 144 -34.68 -15.90 -25.47
N GLY B 145 -34.45 -16.96 -24.69
CA GLY B 145 -33.80 -18.20 -25.15
C GLY B 145 -34.23 -19.37 -24.29
N ASN B 146 -33.56 -20.53 -24.42
CA ASN B 146 -33.90 -21.71 -23.60
C ASN B 146 -32.96 -21.74 -22.38
N TYR B 147 -33.00 -20.71 -21.55
CA TYR B 147 -32.12 -20.63 -20.39
C TYR B 147 -32.57 -21.57 -19.29
N PRO B 148 -31.63 -22.22 -18.61
CA PRO B 148 -31.97 -23.24 -17.62
C PRO B 148 -32.53 -22.66 -16.34
N VAL B 149 -33.22 -23.51 -15.58
CA VAL B 149 -33.69 -23.19 -14.24
C VAL B 149 -32.59 -23.59 -13.26
N LEU B 150 -31.86 -22.62 -12.75
CA LEU B 150 -30.71 -22.90 -11.91
C LEU B 150 -31.08 -22.96 -10.43
N SER B 151 -30.35 -23.79 -9.69
CA SER B 151 -30.49 -23.92 -8.25
C SER B 151 -29.39 -23.15 -7.52
N ALA B 152 -29.67 -22.79 -6.26
CA ALA B 152 -28.66 -22.15 -5.42
C ALA B 152 -27.46 -23.06 -5.19
N ASP B 153 -27.68 -24.37 -5.19
CA ASP B 153 -26.59 -25.33 -5.02
C ASP B 153 -25.83 -25.60 -6.31
N ASP B 154 -26.33 -25.15 -7.47
CA ASP B 154 -25.60 -25.29 -8.71
C ASP B 154 -24.29 -24.50 -8.66
N PRO B 155 -23.25 -24.98 -9.34
CA PRO B 155 -21.98 -24.26 -9.35
C PRO B 155 -22.08 -22.94 -10.11
N ALA B 156 -21.50 -21.90 -9.53
CA ALA B 156 -21.48 -20.58 -10.15
C ALA B 156 -20.13 -20.21 -10.74
N LEU B 157 -19.03 -20.53 -10.05
CA LEU B 157 -17.72 -20.12 -10.55
C LEU B 157 -16.64 -20.95 -9.89
N ILE B 158 -15.43 -20.81 -10.42
CA ILE B 158 -14.24 -21.49 -9.94
C ILE B 158 -13.17 -20.45 -9.65
N LEU B 159 -12.67 -20.45 -8.41
CA LEU B 159 -11.59 -19.57 -7.99
C LEU B 159 -10.41 -20.40 -7.54
N MET B 160 -9.21 -19.85 -7.69
CA MET B 160 -7.98 -20.58 -7.43
C MET B 160 -7.41 -20.15 -6.09
N THR B 161 -6.89 -21.13 -5.34
CA THR B 161 -6.05 -20.83 -4.20
C THR B 161 -4.65 -21.39 -4.49
N SER B 162 -3.65 -20.68 -4.00
CA SER B 162 -2.28 -21.07 -4.30
C SER B 162 -1.82 -22.16 -3.32
N GLY B 163 -1.12 -23.13 -3.88
CA GLY B 163 -0.45 -24.13 -3.07
C GLY B 163 0.82 -23.56 -2.48
N SER B 164 1.66 -24.47 -1.99
CA SER B 164 2.91 -24.09 -1.33
C SER B 164 3.91 -23.48 -2.30
N THR B 165 3.72 -23.70 -3.60
CA THR B 165 4.71 -23.24 -4.60
C THR B 165 4.12 -22.30 -5.64
N GLY B 166 2.87 -21.87 -5.48
CA GLY B 166 2.28 -20.95 -6.47
C GLY B 166 1.37 -21.63 -7.47
N LYS B 167 1.27 -22.94 -7.46
CA LYS B 167 0.40 -23.63 -8.43
C LYS B 167 -1.02 -23.45 -7.96
N PRO B 168 -1.99 -23.24 -8.86
CA PRO B 168 -3.36 -23.02 -8.45
C PRO B 168 -4.15 -24.30 -8.18
N LYS B 169 -4.96 -24.26 -7.12
CA LYS B 169 -5.92 -25.31 -6.80
C LYS B 169 -7.32 -24.76 -6.99
N SER B 170 -8.18 -25.52 -7.68
CA SER B 170 -9.55 -25.14 -8.00
C SER B 170 -10.42 -25.14 -6.75
N VAL B 171 -11.25 -24.12 -6.55
CA VAL B 171 -12.24 -24.05 -5.48
C VAL B 171 -13.58 -23.78 -6.12
N LEU B 172 -14.52 -24.71 -5.98
CA LEU B 172 -15.82 -24.61 -6.65
C LEU B 172 -16.81 -23.88 -5.76
N ILE B 173 -17.35 -22.77 -6.26
CA ILE B 173 -18.27 -21.92 -5.53
C ILE B 173 -19.67 -22.12 -6.08
N ALA B 174 -20.64 -22.32 -5.19
CA ALA B 174 -22.02 -22.49 -5.61
C ALA B 174 -22.71 -21.12 -5.69
N HIS B 175 -23.87 -21.10 -6.38
CA HIS B 175 -24.60 -19.84 -6.51
C HIS B 175 -24.91 -19.24 -5.13
N ARG B 176 -25.33 -20.07 -4.17
CA ARG B 176 -25.65 -19.58 -2.83
C ARG B 176 -24.47 -18.87 -2.16
N GLY B 177 -23.24 -19.24 -2.51
CA GLY B 177 -22.08 -18.64 -1.88
C GLY B 177 -21.96 -17.15 -2.15
N ILE B 178 -22.41 -16.70 -3.31
CA ILE B 178 -22.42 -15.28 -3.62
C ILE B 178 -23.84 -14.70 -3.65
N ALA B 179 -24.87 -15.52 -3.87
CA ALA B 179 -26.24 -15.02 -3.83
C ALA B 179 -26.61 -14.52 -2.45
N ARG B 180 -25.98 -15.07 -1.40
CA ARG B 180 -26.20 -14.59 -0.04
C ARG B 180 -25.87 -13.10 0.10
N LEU B 181 -25.03 -12.55 -0.75
CA LEU B 181 -24.65 -11.14 -0.65
C LEU B 181 -25.78 -10.19 -1.07
N GLY B 182 -26.92 -10.73 -1.52
CA GLY B 182 -28.14 -9.97 -1.71
C GLY B 182 -28.89 -9.65 -0.44
N LEU B 183 -28.53 -10.30 0.71
CA LEU B 183 -29.16 -10.00 1.99
C LEU B 183 -28.48 -8.81 2.64
N PRO B 184 -29.23 -7.84 3.17
CA PRO B 184 -28.59 -6.69 3.82
C PRO B 184 -27.79 -7.13 5.03
N VAL B 185 -26.58 -6.59 5.16
CA VAL B 185 -25.69 -6.93 6.27
C VAL B 185 -25.99 -5.95 7.42
N PRO B 186 -26.51 -6.42 8.55
CA PRO B 186 -26.86 -5.50 9.63
C PRO B 186 -25.70 -4.67 10.15
N ALA B 187 -24.48 -5.21 10.17
CA ALA B 187 -23.33 -4.43 10.59
C ALA B 187 -23.06 -3.26 9.66
N LEU B 188 -23.43 -3.40 8.39
CA LEU B 188 -23.15 -2.37 7.41
C LEU B 188 -24.33 -1.42 7.19
N GLY B 189 -25.56 -1.88 7.40
CA GLY B 189 -26.73 -1.09 7.06
C GLY B 189 -26.90 -0.83 5.59
N ASN B 190 -26.32 -1.67 4.74
CA ASN B 190 -26.31 -1.43 3.31
C ASN B 190 -27.70 -1.65 2.71
N SER B 191 -27.91 -1.05 1.54
CA SER B 191 -29.20 -0.97 0.87
C SER B 191 -28.95 -0.62 -0.59
N GLU B 192 -30.03 -0.44 -1.36
CA GLU B 192 -29.89 0.00 -2.74
C GLU B 192 -29.38 1.43 -2.85
N ARG B 193 -29.39 2.19 -1.75
CA ARG B 193 -28.88 3.55 -1.78
C ARG B 193 -27.37 3.60 -1.96
N ASP B 194 -26.67 2.49 -1.73
CA ASP B 194 -25.22 2.53 -1.59
C ASP B 194 -24.52 2.47 -2.94
N CYS B 195 -23.21 2.71 -2.90
CA CYS B 195 -22.34 2.71 -4.06
C CYS B 195 -21.05 1.99 -3.70
N TYR B 196 -20.67 0.97 -4.47
CA TYR B 196 -19.48 0.17 -4.24
C TYR B 196 -18.43 0.47 -5.29
N LEU B 197 -17.17 0.20 -4.95
CA LEU B 197 -16.04 0.40 -5.85
C LEU B 197 -15.43 -0.95 -6.22
N GLN B 198 -15.44 -1.28 -7.51
CA GLN B 198 -14.88 -2.56 -7.98
C GLN B 198 -13.40 -2.37 -8.28
N ILE B 199 -12.53 -2.88 -7.41
CA ILE B 199 -11.09 -2.67 -7.55
C ILE B 199 -10.33 -3.98 -7.34
N ALA B 200 -10.88 -4.90 -6.56
CA ALA B 200 -10.22 -6.19 -6.37
C ALA B 200 -10.26 -6.98 -7.67
N ASP B 201 -9.15 -7.66 -7.99
CA ASP B 201 -9.08 -8.40 -9.24
C ASP B 201 -10.15 -9.49 -9.26
N ILE B 202 -10.71 -9.73 -10.46
CA ILE B 202 -11.82 -10.65 -10.56
C ILE B 202 -11.41 -12.08 -10.21
N SER B 203 -10.11 -12.38 -10.25
CA SER B 203 -9.62 -13.71 -9.90
C SER B 203 -9.53 -13.96 -8.41
N PHE B 204 -9.80 -12.94 -7.59
CA PHE B 204 -9.79 -13.05 -6.14
C PHE B 204 -11.21 -13.06 -5.60
N ALA B 205 -11.48 -13.91 -4.61
CA ALA B 205 -12.82 -13.99 -4.04
C ALA B 205 -13.28 -12.69 -3.41
N ALA B 206 -12.33 -11.82 -3.05
CA ALA B 206 -12.71 -10.53 -2.46
C ALA B 206 -13.48 -9.68 -3.46
N SER B 207 -13.26 -9.88 -4.76
CA SER B 207 -14.00 -9.07 -5.73
C SER B 207 -15.50 -9.33 -5.66
N ALA B 208 -15.89 -10.49 -5.13
CA ALA B 208 -17.32 -10.77 -4.97
C ALA B 208 -17.97 -9.82 -3.98
N ASN B 209 -17.22 -9.34 -2.98
CA ASN B 209 -17.77 -8.36 -2.06
C ASN B 209 -18.31 -7.15 -2.80
N GLU B 210 -17.54 -6.70 -3.79
CA GLU B 210 -17.87 -5.47 -4.51
C GLU B 210 -18.93 -5.73 -5.56
N ILE B 211 -18.73 -6.75 -6.40
CA ILE B 211 -19.60 -6.96 -7.54
C ILE B 211 -21.01 -7.31 -7.09
N TRP B 212 -21.14 -8.32 -6.22
CA TRP B 212 -22.46 -8.89 -5.93
C TRP B 212 -23.18 -8.24 -4.77
N MET B 213 -22.49 -7.67 -3.78
CA MET B 213 -23.23 -6.84 -2.83
C MET B 213 -23.89 -5.67 -3.54
N ALA B 214 -23.26 -5.15 -4.59
CA ALA B 214 -23.87 -4.08 -5.37
C ALA B 214 -24.98 -4.60 -6.25
N LEU B 215 -24.65 -5.48 -7.19
CA LEU B 215 -25.58 -5.83 -8.26
C LEU B 215 -26.77 -6.66 -7.78
N LEU B 216 -26.66 -7.31 -6.62
CA LEU B 216 -27.77 -8.10 -6.09
C LEU B 216 -28.59 -7.36 -5.04
N THR B 217 -28.27 -6.10 -4.75
CA THR B 217 -29.09 -5.29 -3.84
C THR B 217 -29.69 -4.06 -4.48
N GLY B 218 -29.45 -3.81 -5.78
CA GLY B 218 -29.94 -2.61 -6.41
C GLY B 218 -29.04 -1.40 -6.24
N ALA B 219 -27.87 -1.57 -5.63
CA ALA B 219 -26.93 -0.49 -5.43
C ALA B 219 -26.10 -0.27 -6.69
N CYS B 220 -25.16 0.66 -6.61
CA CYS B 220 -24.38 1.06 -7.77
C CYS B 220 -22.94 0.60 -7.60
N LEU B 221 -22.36 0.15 -8.70
CA LEU B 221 -21.00 -0.35 -8.74
C LEU B 221 -20.18 0.55 -9.67
N THR B 222 -19.32 1.39 -9.09
CA THR B 222 -18.42 2.19 -9.90
C THR B 222 -17.15 1.38 -10.14
N ILE B 223 -16.70 1.37 -11.39
CA ILE B 223 -15.71 0.42 -11.88
C ILE B 223 -14.37 1.15 -11.97
N ALA B 224 -13.38 0.66 -11.22
CA ALA B 224 -12.05 1.26 -11.30
C ALA B 224 -11.43 0.98 -12.66
N PRO B 225 -10.57 1.88 -13.15
CA PRO B 225 -9.91 1.63 -14.42
C PRO B 225 -9.09 0.35 -14.35
N PRO B 226 -8.86 -0.30 -15.49
CA PRO B 226 -8.07 -1.52 -15.48
C PRO B 226 -6.61 -1.21 -15.14
N GLY B 227 -5.91 -2.25 -14.73
CA GLY B 227 -4.50 -2.13 -14.41
C GLY B 227 -4.25 -2.02 -12.92
N LEU B 228 -3.03 -1.60 -12.59
CA LEU B 228 -2.65 -1.46 -11.19
C LEU B 228 -3.34 -0.24 -10.58
N PRO B 229 -3.55 -0.25 -9.26
CA PRO B 229 -4.29 0.86 -8.63
C PRO B 229 -3.63 2.21 -8.85
N ASP B 230 -4.46 3.19 -9.17
CA ASP B 230 -4.07 4.59 -9.34
C ASP B 230 -4.78 5.36 -8.24
N LEU B 231 -4.10 5.62 -7.12
CA LEU B 231 -4.78 6.17 -5.95
C LEU B 231 -5.30 7.58 -6.19
N MET B 232 -4.58 8.38 -6.99
CA MET B 232 -5.10 9.70 -7.33
C MET B 232 -6.47 9.58 -8.00
N ALA B 233 -6.55 8.77 -9.06
CA ALA B 233 -7.81 8.57 -9.76
C ALA B 233 -8.85 7.89 -8.88
N LEU B 234 -8.42 6.90 -8.09
CA LEU B 234 -9.34 6.23 -7.17
C LEU B 234 -9.96 7.22 -6.19
N ALA B 235 -9.16 8.13 -5.63
CA ALA B 235 -9.70 9.13 -4.72
C ALA B 235 -10.73 10.01 -5.40
N ARG B 236 -10.46 10.43 -6.63
CA ARG B 236 -11.40 11.27 -7.35
C ARG B 236 -12.67 10.50 -7.69
N GLN B 237 -12.53 9.20 -7.98
CA GLN B 237 -13.68 8.37 -8.28
C GLN B 237 -14.52 8.09 -7.03
N ILE B 238 -13.86 7.86 -5.90
CA ILE B 238 -14.59 7.66 -4.65
C ILE B 238 -15.43 8.91 -4.33
N GLU B 239 -14.86 10.09 -4.56
CA GLU B 239 -15.62 11.29 -4.19
C GLU B 239 -16.68 11.62 -5.24
N SER B 240 -16.39 11.56 -6.53
CA SER B 240 -17.35 12.01 -7.53
C SER B 240 -18.49 11.01 -7.74
N ASP B 241 -18.22 9.72 -7.57
CA ASP B 241 -19.28 8.71 -7.66
C ASP B 241 -19.92 8.39 -6.31
N ASN B 242 -19.49 9.07 -5.24
CA ASN B 242 -20.11 8.94 -3.92
C ASN B 242 -20.13 7.48 -3.44
N VAL B 243 -18.96 6.84 -3.44
CA VAL B 243 -18.83 5.50 -2.87
C VAL B 243 -19.15 5.55 -1.39
N THR B 244 -20.06 4.68 -0.96
CA THR B 244 -20.44 4.60 0.45
C THR B 244 -19.97 3.32 1.13
N MET B 245 -19.72 2.27 0.38
CA MET B 245 -19.22 1.00 0.91
C MET B 245 -17.89 0.71 0.22
N LEU B 246 -16.80 0.88 0.95
CA LEU B 246 -15.46 0.74 0.38
C LEU B 246 -14.79 -0.51 0.96
N PHE B 247 -14.50 -1.48 0.09
CA PHE B 247 -13.76 -2.69 0.45
C PHE B 247 -12.31 -2.58 0.02
N LEU B 248 -11.38 -2.82 0.96
CA LEU B 248 -9.95 -2.66 0.71
C LEU B 248 -9.17 -3.90 1.14
N SER B 249 -8.17 -4.26 0.35
CA SER B 249 -7.10 -5.15 0.79
C SER B 249 -6.26 -4.46 1.86
N GLY B 250 -5.42 -5.25 2.54
CA GLY B 250 -4.53 -4.66 3.54
C GLY B 250 -3.54 -3.67 2.94
N GLY B 251 -3.06 -3.96 1.72
CA GLY B 251 -2.08 -3.08 1.09
C GLY B 251 -2.68 -1.76 0.65
N LEU B 252 -3.84 -1.81 -0.01
CA LEU B 252 -4.50 -0.56 -0.40
C LEU B 252 -4.94 0.24 0.83
N PHE B 253 -5.44 -0.45 1.86
CA PHE B 253 -5.80 0.26 3.08
C PHE B 253 -4.58 0.91 3.72
N ARG B 254 -3.48 0.16 3.83
CA ARG B 254 -2.27 0.71 4.45
C ARG B 254 -1.72 1.90 3.68
N LEU B 255 -1.69 1.82 2.34
CA LEU B 255 -1.17 2.93 1.56
C LEU B 255 -2.06 4.16 1.69
N PHE B 256 -3.39 3.99 1.69
CA PHE B 256 -4.26 5.15 1.88
C PHE B 256 -4.04 5.81 3.23
N VAL B 257 -3.89 5.01 4.29
CA VAL B 257 -3.61 5.57 5.62
C VAL B 257 -2.32 6.39 5.58
N GLU B 258 -1.32 5.92 4.83
CA GLU B 258 -0.02 6.56 4.81
C GLU B 258 0.01 7.82 3.94
N VAL B 259 -0.84 7.93 2.93
CA VAL B 259 -0.73 9.05 1.98
C VAL B 259 -1.99 9.91 1.90
N SER B 260 -3.16 9.41 2.28
CA SER B 260 -4.38 10.19 2.13
C SER B 260 -5.50 9.57 2.94
N VAL B 261 -5.34 9.55 4.26
CA VAL B 261 -6.32 8.87 5.11
C VAL B 261 -7.67 9.57 5.07
N GLU B 262 -7.71 10.86 4.69
CA GLU B 262 -9.02 11.48 4.64
C GLU B 262 -9.87 10.93 3.49
N THR B 263 -9.25 10.31 2.47
CA THR B 263 -10.04 9.65 1.43
C THR B 263 -10.88 8.52 2.00
N LEU B 264 -10.37 7.85 3.05
CA LEU B 264 -11.11 6.75 3.65
C LEU B 264 -12.36 7.20 4.39
N HIS B 265 -12.59 8.51 4.55
CA HIS B 265 -13.76 9.00 5.27
C HIS B 265 -14.75 9.71 4.35
N ILE B 266 -14.59 9.55 3.05
CA ILE B 266 -15.65 9.88 2.09
C ILE B 266 -16.76 8.84 2.21
N PRO B 267 -16.48 7.51 2.20
CA PRO B 267 -17.60 6.54 2.30
C PRO B 267 -18.21 6.48 3.69
N ASP B 268 -19.29 5.69 3.82
CA ASP B 268 -19.92 5.48 5.12
C ASP B 268 -19.23 4.36 5.89
N CYS B 269 -18.84 3.30 5.20
CA CYS B 269 -18.12 2.18 5.84
C CYS B 269 -16.93 1.77 5.00
N VAL B 270 -15.87 1.37 5.68
CA VAL B 270 -14.63 0.90 5.07
C VAL B 270 -14.32 -0.47 5.68
N VAL B 271 -14.16 -1.48 4.83
CA VAL B 271 -13.93 -2.85 5.28
C VAL B 271 -12.56 -3.32 4.80
N VAL B 272 -11.68 -3.62 5.74
CA VAL B 272 -10.35 -4.13 5.43
C VAL B 272 -10.34 -5.62 5.68
N SER B 273 -9.91 -6.41 4.68
CA SER B 273 -9.86 -7.85 4.83
C SER B 273 -8.64 -8.42 4.11
N GLY B 274 -8.30 -9.67 4.43
CA GLY B 274 -7.33 -10.44 3.70
C GLY B 274 -6.16 -10.93 4.54
N ASP B 275 -5.81 -10.21 5.59
CA ASP B 275 -4.64 -10.55 6.39
C ASP B 275 -4.63 -9.66 7.63
N PHE B 276 -3.77 -10.00 8.57
CA PHE B 276 -3.62 -9.16 9.75
C PHE B 276 -3.16 -7.77 9.33
N VAL B 277 -3.73 -6.76 10.00
CA VAL B 277 -3.37 -5.36 9.78
C VAL B 277 -2.83 -4.82 11.09
N ASN B 278 -1.77 -4.01 11.04
CA ASN B 278 -1.20 -3.45 12.28
C ASN B 278 -2.25 -2.64 13.04
N PRO B 279 -2.58 -2.95 14.31
CA PRO B 279 -3.61 -2.20 15.04
C PRO B 279 -3.44 -0.68 14.96
N ARG B 280 -2.19 -0.21 14.89
CA ARG B 280 -1.88 1.24 14.83
C ARG B 280 -2.52 1.87 13.59
N LEU B 281 -2.56 1.14 12.48
CA LEU B 281 -3.11 1.69 11.25
C LEU B 281 -4.62 1.89 11.37
N PHE B 282 -5.31 0.91 11.97
CA PHE B 282 -6.72 1.10 12.28
C PHE B 282 -6.92 2.32 13.17
N SER B 283 -6.05 2.48 14.18
CA SER B 283 -6.16 3.60 15.09
C SER B 283 -6.04 4.93 14.36
N VAL B 284 -5.09 5.04 13.43
CA VAL B 284 -4.95 6.25 12.63
C VAL B 284 -6.20 6.47 11.79
N ALA B 285 -6.68 5.40 11.14
CA ALA B 285 -7.83 5.54 10.25
C ALA B 285 -9.10 5.90 11.03
N VAL B 286 -9.28 5.32 12.22
CA VAL B 286 -10.48 5.61 13.00
C VAL B 286 -10.48 7.04 13.52
N GLN B 287 -9.31 7.54 13.94
CA GLN B 287 -9.23 8.90 14.47
C GLN B 287 -9.43 9.97 13.39
N ALA B 288 -9.32 9.60 12.12
CA ALA B 288 -9.16 10.59 11.07
C ALA B 288 -10.48 11.11 10.51
N GLY B 289 -11.61 10.56 10.91
CA GLY B 289 -12.88 11.02 10.39
C GLY B 289 -14.03 10.17 10.89
N LYS B 290 -15.20 10.39 10.29
CA LYS B 290 -16.53 9.85 10.69
C LYS B 290 -16.86 8.47 10.10
N ALA B 291 -16.14 7.98 9.09
CA ALA B 291 -16.50 6.70 8.50
C ALA B 291 -16.29 5.56 9.49
N LYS B 292 -17.11 4.51 9.35
CA LYS B 292 -16.98 3.32 10.19
C LYS B 292 -15.95 2.38 9.57
N ILE B 293 -14.87 2.13 10.30
CA ILE B 293 -13.78 1.27 9.84
C ILE B 293 -14.02 -0.14 10.39
N PHE B 294 -13.94 -1.15 9.52
CA PHE B 294 -14.18 -2.54 9.90
C PHE B 294 -12.95 -3.39 9.63
N ASN B 295 -12.71 -4.35 10.52
CA ASN B 295 -11.85 -5.49 10.21
C ASN B 295 -12.74 -6.63 9.74
N GLY B 296 -12.42 -7.17 8.58
CA GLY B 296 -13.25 -8.25 8.02
C GLY B 296 -12.45 -9.47 7.66
N LEU B 297 -13.04 -10.63 7.91
CA LEU B 297 -12.38 -11.90 7.52
C LEU B 297 -13.11 -12.46 6.32
N GLY B 298 -12.35 -12.99 5.38
CA GLY B 298 -12.92 -13.63 4.20
C GLY B 298 -11.98 -14.73 3.76
N CYS B 299 -12.52 -15.79 3.18
CA CYS B 299 -11.64 -16.80 2.63
C CYS B 299 -12.28 -17.36 1.37
N THR B 300 -11.42 -17.77 0.44
CA THR B 300 -11.90 -18.29 -0.84
C THR B 300 -12.92 -19.41 -0.64
N GLU B 301 -12.67 -20.30 0.32
CA GLU B 301 -13.53 -21.45 0.56
C GLU B 301 -14.87 -21.08 1.19
N ASN B 302 -15.11 -19.83 1.57
CA ASN B 302 -16.45 -19.41 1.97
C ASN B 302 -17.01 -18.37 1.01
N SER B 303 -16.45 -18.29 -0.20
CA SER B 303 -17.10 -17.54 -1.28
C SER B 303 -16.76 -16.05 -1.31
N ALA B 304 -16.72 -15.42 -0.13
CA ALA B 304 -16.68 -13.96 -0.06
C ALA B 304 -16.47 -13.57 1.41
N ILE B 305 -16.62 -12.26 1.68
CA ILE B 305 -16.49 -11.74 3.04
C ILE B 305 -17.45 -12.45 3.97
N SER B 306 -17.00 -12.73 5.20
CA SER B 306 -17.78 -13.64 6.04
C SER B 306 -18.01 -13.13 7.45
N SER B 307 -17.20 -12.20 7.96
CA SER B 307 -17.41 -11.59 9.27
C SER B 307 -16.91 -10.15 9.26
N LEU B 308 -17.42 -9.34 10.19
CA LEU B 308 -17.07 -7.93 10.30
C LEU B 308 -16.94 -7.51 11.76
N TYR B 309 -15.92 -6.71 12.07
CA TYR B 309 -15.79 -6.10 13.39
C TYR B 309 -15.67 -4.60 13.24
N HIS B 310 -16.64 -3.86 13.79
CA HIS B 310 -16.60 -2.41 13.77
C HIS B 310 -15.65 -1.91 14.85
N ILE B 311 -14.59 -1.23 14.43
CA ILE B 311 -13.64 -0.66 15.38
C ILE B 311 -14.20 0.70 15.83
N GLN B 312 -14.61 0.78 17.09
CA GLN B 312 -15.40 1.92 17.54
C GLN B 312 -14.56 3.15 17.83
N SER B 313 -13.39 2.97 18.43
CA SER B 313 -12.58 4.15 18.78
C SER B 313 -11.11 3.81 18.67
N ALA B 314 -10.26 4.80 18.75
CA ALA B 314 -8.82 4.52 18.62
C ALA B 314 -8.27 3.86 19.90
N ALA B 315 -8.96 4.03 21.02
CA ALA B 315 -8.52 3.42 22.29
C ALA B 315 -9.21 2.06 22.47
N ALA B 316 -9.89 1.59 21.43
CA ALA B 316 -10.64 0.31 21.45
C ALA B 316 -9.71 -0.89 21.18
N LEU B 317 -8.43 -0.64 20.87
CA LEU B 317 -7.47 -1.75 20.60
C LEU B 317 -6.07 -1.39 21.10
N SER B 318 -5.23 -0.91 20.19
CA SER B 318 -3.85 -0.49 20.54
C SER B 318 -3.00 -1.70 20.89
N SER B 319 -1.84 -1.44 21.50
CA SER B 319 -0.89 -2.50 21.93
C SER B 319 -0.52 -3.37 20.72
N GLU B 320 -0.52 -4.70 20.93
CA GLU B 320 -0.17 -5.65 19.86
C GLU B 320 -1.31 -6.65 19.66
N SER B 321 -2.27 -6.71 20.59
CA SER B 321 -3.38 -7.69 20.42
C SER B 321 -4.01 -7.52 19.03
N PRO B 322 -4.28 -8.63 18.29
CA PRO B 322 -4.86 -8.54 16.95
C PRO B 322 -6.31 -8.05 17.03
N VAL B 323 -6.68 -7.25 16.06
CA VAL B 323 -8.04 -6.71 16.02
C VAL B 323 -9.02 -7.85 15.78
N PRO B 324 -10.13 -7.94 16.52
CA PRO B 324 -11.10 -9.01 16.27
C PRO B 324 -11.61 -8.99 14.84
N VAL B 325 -12.00 -10.17 14.34
CA VAL B 325 -12.70 -10.24 13.06
C VAL B 325 -14.21 -10.23 13.23
N GLY B 326 -14.71 -10.24 14.47
CA GLY B 326 -16.10 -9.89 14.70
C GLY B 326 -17.09 -11.01 14.62
N THR B 327 -18.27 -10.72 14.05
CA THR B 327 -19.42 -11.63 13.96
C THR B 327 -19.82 -11.83 12.51
N PRO B 328 -20.39 -12.99 12.17
CA PRO B 328 -20.54 -13.36 10.77
C PRO B 328 -21.68 -12.65 10.04
N LEU B 329 -21.60 -12.72 8.72
CA LEU B 329 -22.59 -12.16 7.81
C LEU B 329 -23.84 -13.02 7.80
N PRO B 330 -24.94 -12.52 7.21
CA PRO B 330 -26.16 -13.32 7.12
C PRO B 330 -25.91 -14.70 6.50
N LEU B 331 -26.49 -15.72 7.14
CA LEU B 331 -26.44 -17.12 6.71
C LEU B 331 -25.04 -17.73 6.83
N VAL B 332 -24.15 -17.09 7.58
CA VAL B 332 -22.81 -17.61 7.82
C VAL B 332 -22.73 -17.99 9.30
N GLU B 333 -22.19 -19.17 9.58
CA GLU B 333 -21.94 -19.51 10.97
C GLU B 333 -20.45 -19.72 11.18
N MET B 334 -19.99 -19.23 12.32
CA MET B 334 -18.57 -19.24 12.64
C MET B 334 -18.41 -19.72 14.07
N VAL B 335 -17.65 -20.79 14.25
CA VAL B 335 -17.40 -21.35 15.58
C VAL B 335 -15.90 -21.57 15.72
N VAL B 336 -15.35 -21.22 16.87
CA VAL B 336 -13.97 -21.58 17.20
C VAL B 336 -14.05 -22.86 18.04
N PHE B 337 -13.58 -23.98 17.47
CA PHE B 337 -13.58 -25.27 18.14
C PHE B 337 -12.22 -25.54 18.78
N ASN B 338 -12.24 -26.22 19.93
CA ASN B 338 -10.99 -26.66 20.53
C ASN B 338 -10.63 -28.05 19.98
N GLU B 339 -9.64 -28.69 20.60
CA GLU B 339 -9.10 -29.94 20.09
C GLU B 339 -10.05 -31.13 20.25
N ARG B 340 -11.15 -30.88 20.97
CA ARG B 340 -12.22 -31.87 21.28
C ARG B 340 -13.51 -31.52 20.53
N LEU B 341 -13.43 -30.57 19.58
CA LEU B 341 -14.58 -30.12 18.81
C LEU B 341 -15.68 -29.58 19.71
N GLN B 342 -15.29 -28.93 20.81
CA GLN B 342 -16.16 -28.13 21.66
C GLN B 342 -15.98 -26.65 21.35
N PRO B 343 -17.03 -25.84 21.49
CA PRO B 343 -16.86 -24.39 21.29
C PRO B 343 -15.98 -23.79 22.38
N CYS B 344 -15.03 -22.97 21.97
CA CYS B 344 -14.06 -22.45 22.94
C CYS B 344 -14.71 -21.44 23.88
N THR B 345 -14.19 -21.38 25.10
CA THR B 345 -14.56 -20.29 25.98
C THR B 345 -13.70 -19.06 25.67
N CYS B 346 -14.09 -17.93 26.27
CA CYS B 346 -13.34 -16.71 26.06
C CYS B 346 -11.86 -16.90 26.43
N GLY B 347 -11.00 -16.57 25.46
CA GLY B 347 -9.56 -16.70 25.65
C GLY B 347 -8.98 -18.06 25.37
N GLU B 348 -9.81 -19.11 25.28
CA GLU B 348 -9.33 -20.44 24.95
C GLU B 348 -8.95 -20.50 23.48
N TYR B 349 -7.75 -21.00 23.18
CA TYR B 349 -7.29 -21.04 21.79
C TYR B 349 -7.82 -22.29 21.10
N GLY B 350 -8.37 -22.11 19.91
CA GLY B 350 -8.85 -23.20 19.09
C GLY B 350 -8.65 -22.83 17.64
N GLU B 351 -9.49 -23.41 16.78
CA GLU B 351 -9.41 -23.22 15.34
C GLU B 351 -10.76 -22.77 14.81
N LEU B 352 -10.76 -21.80 13.90
CA LEU B 352 -11.99 -21.29 13.34
C LEU B 352 -12.56 -22.26 12.30
N PHE B 353 -13.85 -22.58 12.45
CA PHE B 353 -14.60 -23.37 11.48
C PHE B 353 -15.78 -22.54 10.97
N ILE B 354 -16.07 -22.64 9.67
CA ILE B 354 -17.09 -21.81 9.03
C ILE B 354 -18.14 -22.70 8.36
N ALA B 355 -19.40 -22.42 8.64
CA ALA B 355 -20.54 -23.09 8.04
C ALA B 355 -21.50 -22.06 7.43
N GLY B 356 -22.47 -22.55 6.68
CA GLY B 356 -23.52 -21.71 6.14
C GLY B 356 -23.52 -21.61 4.62
N ALA B 357 -24.22 -20.59 4.12
CA ALA B 357 -24.49 -20.48 2.69
C ALA B 357 -23.21 -20.28 1.86
N GLY B 358 -22.16 -19.71 2.44
CA GLY B 358 -20.94 -19.45 1.70
C GLY B 358 -20.03 -20.64 1.48
N VAL B 359 -20.25 -21.74 2.18
CA VAL B 359 -19.27 -22.83 2.14
C VAL B 359 -19.14 -23.36 0.72
N ALA B 360 -17.90 -23.50 0.26
CA ALA B 360 -17.63 -23.90 -1.11
C ALA B 360 -18.04 -25.36 -1.34
N LEU B 361 -18.07 -25.75 -2.62
CA LEU B 361 -18.40 -27.12 -2.97
C LEU B 361 -17.23 -28.07 -2.88
N GLY B 362 -16.00 -27.56 -2.71
CA GLY B 362 -14.84 -28.40 -2.51
C GLY B 362 -13.73 -28.04 -3.46
N TYR B 363 -12.64 -28.81 -3.36
CA TYR B 363 -11.53 -28.70 -4.30
C TYR B 363 -11.63 -29.82 -5.33
N SER B 364 -10.86 -29.69 -6.40
CA SER B 364 -10.50 -30.74 -7.33
C SER B 364 -9.97 -31.99 -6.63
N ASP B 365 -9.39 -31.78 -5.45
CA ASP B 365 -8.73 -32.85 -4.70
C ASP B 365 -9.75 -33.49 -3.75
N PRO B 366 -10.07 -34.79 -3.91
CA PRO B 366 -11.02 -35.44 -3.02
C PRO B 366 -10.54 -35.54 -1.58
N GLN B 367 -9.31 -35.99 -1.39
CA GLN B 367 -8.80 -36.18 -0.03
C GLN B 367 -8.68 -34.86 0.70
N LEU B 368 -8.16 -33.83 0.04
CA LEU B 368 -8.09 -32.54 0.71
C LEU B 368 -9.49 -32.01 1.01
N THR B 369 -10.45 -32.28 0.13
CA THR B 369 -11.84 -31.88 0.38
C THR B 369 -12.40 -32.55 1.63
N ALA B 370 -12.17 -33.88 1.75
CA ALA B 370 -12.65 -34.60 2.92
C ALA B 370 -11.96 -34.14 4.20
N GLU B 371 -10.76 -33.57 4.09
CA GLU B 371 -10.00 -33.11 5.25
C GLU B 371 -10.36 -31.69 5.67
N ARG B 372 -10.87 -30.89 4.74
CA ARG B 372 -11.18 -29.48 5.05
C ARG B 372 -12.70 -29.24 5.12
N PHE B 373 -13.51 -30.11 4.52
CA PHE B 373 -14.98 -29.87 4.63
C PHE B 373 -15.54 -31.02 5.46
N ILE B 374 -15.82 -30.76 6.74
CA ILE B 374 -16.17 -31.89 7.61
C ILE B 374 -17.48 -31.58 8.32
N THR B 375 -18.29 -32.63 8.50
CA THR B 375 -19.58 -32.51 9.23
C THR B 375 -19.30 -32.67 10.72
N ILE B 376 -19.66 -31.68 11.53
CA ILE B 376 -19.39 -31.72 13.00
C ILE B 376 -20.71 -31.52 13.75
N PRO B 377 -20.98 -32.26 14.83
CA PRO B 377 -22.20 -32.06 15.61
C PRO B 377 -22.02 -30.77 16.42
N TYR B 378 -22.87 -29.77 16.18
CA TYR B 378 -22.78 -28.51 16.94
C TYR B 378 -24.14 -28.20 17.55
N GLN B 379 -24.23 -28.33 18.88
CA GLN B 379 -25.47 -28.04 19.61
C GLN B 379 -26.62 -28.92 19.13
N GLY B 380 -26.35 -30.20 18.95
CA GLY B 380 -27.38 -31.17 18.63
C GLY B 380 -27.67 -31.37 17.15
N THR B 381 -27.09 -30.57 16.27
CA THR B 381 -27.32 -30.68 14.84
C THR B 381 -25.99 -30.88 14.12
N ASP B 382 -25.93 -31.89 13.26
CA ASP B 382 -24.75 -32.09 12.44
C ASP B 382 -24.70 -31.02 11.36
N MET B 383 -23.51 -30.44 11.16
CA MET B 383 -23.34 -29.28 10.32
C MET B 383 -22.06 -29.40 9.51
N LEU B 384 -22.10 -28.98 8.25
CA LEU B 384 -20.91 -28.98 7.41
C LEU B 384 -20.09 -27.72 7.65
N PHE B 385 -18.83 -27.88 8.07
CA PHE B 385 -17.92 -26.78 8.32
C PHE B 385 -16.71 -26.83 7.40
N TYR B 386 -16.26 -25.65 6.95
CA TYR B 386 -14.94 -25.52 6.36
C TYR B 386 -13.92 -25.21 7.46
N ARG B 387 -12.80 -25.94 7.43
CA ARG B 387 -11.83 -25.73 8.50
C ARG B 387 -10.70 -24.85 7.99
N THR B 388 -10.63 -23.69 8.65
CA THR B 388 -9.86 -22.58 8.11
C THR B 388 -8.35 -22.70 8.33
N ASP B 389 -7.92 -23.49 9.31
CA ASP B 389 -6.51 -23.57 9.73
C ASP B 389 -6.02 -22.28 10.38
N ASP B 390 -6.93 -21.41 10.78
CA ASP B 390 -6.60 -20.17 11.47
C ASP B 390 -6.81 -20.38 12.97
N ARG B 391 -5.74 -20.23 13.75
CA ARG B 391 -5.81 -20.24 15.21
C ARG B 391 -6.69 -19.09 15.69
N ALA B 392 -7.62 -19.35 16.60
CA ALA B 392 -8.58 -18.31 16.97
C ALA B 392 -9.09 -18.51 18.38
N THR B 393 -9.87 -17.53 18.83
CA THR B 393 -10.53 -17.55 20.13
C THR B 393 -11.67 -16.56 20.07
N TYR B 394 -12.39 -16.44 21.19
CA TYR B 394 -13.38 -15.38 21.34
C TYR B 394 -12.85 -14.34 22.31
N ASP B 395 -13.38 -13.13 22.19
CA ASP B 395 -13.07 -12.09 23.15
C ASP B 395 -14.21 -12.00 24.17
N GLN B 396 -14.02 -11.12 25.15
CA GLN B 396 -15.03 -10.93 26.18
C GLN B 396 -16.35 -10.39 25.60
N ASP B 397 -16.29 -9.72 24.45
CA ASP B 397 -17.48 -9.18 23.80
C ASP B 397 -18.11 -10.14 22.80
N ARG B 398 -17.69 -11.41 22.80
CA ARG B 398 -18.25 -12.46 21.94
C ARG B 398 -17.97 -12.21 20.47
N ASN B 399 -16.86 -11.51 20.18
CA ASN B 399 -16.32 -11.42 18.84
C ASN B 399 -15.29 -12.53 18.63
N ILE B 400 -15.15 -12.95 17.38
CA ILE B 400 -14.10 -13.89 17.01
C ILE B 400 -12.81 -13.11 16.75
N VAL B 401 -11.68 -13.68 17.19
CA VAL B 401 -10.36 -13.07 17.06
C VAL B 401 -9.41 -14.11 16.49
N LEU B 402 -8.80 -13.83 15.36
CA LEU B 402 -7.72 -14.69 14.84
C LEU B 402 -6.44 -14.24 15.57
N VAL B 403 -5.59 -15.17 15.98
CA VAL B 403 -4.40 -14.77 16.79
C VAL B 403 -3.08 -15.11 16.12
N GLY B 404 -3.11 -15.81 14.98
CA GLY B 404 -1.90 -16.14 14.22
C GLY B 404 -1.19 -17.40 14.68
N ARG B 405 -0.09 -17.74 14.01
CA ARG B 405 0.77 -18.93 14.30
C ARG B 405 -0.05 -20.21 14.15
N10 R2V C . 10.03 1.74 12.51
C02 R2V C . 11.21 -1.17 10.70
C04 R2V C . 9.98 -1.88 12.57
C06 R2V C . 10.17 0.36 12.28
C07 R2V C . 10.95 0.17 11.11
C09 R2V C . 10.75 2.36 11.43
C11 R2V C . 9.34 2.47 13.57
C13 R2V C . 9.85 4.71 14.16
C14 R2V C . 10.27 6.02 13.45
C20 R2V C . 10.98 6.77 9.50
C22 R2V C . 12.16 6.76 8.48
C23 R2V C . 13.18 7.74 8.60
C24 R2V C . 14.26 7.76 7.72
C25 R2V C . 14.40 6.82 6.70
C26 R2V C . 13.40 5.85 6.58
C28 R2V C . 12.31 5.82 7.46
C30 R2V C . 10.95 3.76 14.73
C32 R2V C . 10.21 2.41 14.86
N01 R2V C . 11.95 -1.54 9.58
N03 R2V C . 10.70 -2.20 11.46
N05 R2V C . 9.66 -0.65 13.06
N08 R2V C . 11.30 1.44 10.59
N15 R2V C . 9.42 6.57 12.37
N19 R2V C . 10.84 7.91 10.45
O12 R2V C . 9.19 3.84 13.24
O17 R2V C . 9.96 8.97 12.65
O18 R2V C . 8.43 8.34 10.86
O21 R2V C . 10.17 5.93 9.53
O27 R2V C . 13.51 4.92 5.59
O31 R2V C . 11.35 4.20 15.97
O33 R2V C . 9.32 2.39 15.94
S16 R2V C . 9.58 8.08 11.63
C1 PGE D . 16.01 0.06 28.52
O1 PGE D . 14.79 -0.33 29.01
C2 PGE D . 16.02 1.57 28.41
O2 PGE D . 16.96 2.11 29.28
C3 PGE D . 16.31 2.62 30.40
C4 PGE D . 16.80 4.01 30.68
O4 PGE D . 13.36 6.22 31.68
C6 PGE D . 14.19 5.17 32.07
C5 PGE D . 15.62 5.55 31.88
O3 PGE D . 16.41 4.41 31.96
N1 EPE E . 24.37 23.69 -20.50
C2 EPE E . 23.34 24.55 -19.92
C3 EPE E . 23.66 26.03 -20.13
N4 EPE E . 25.00 26.36 -19.68
C5 EPE E . 26.01 25.52 -20.31
C6 EPE E . 25.71 24.04 -20.07
C7 EPE E . 25.35 27.76 -19.82
C8 EPE E . 24.15 28.66 -20.08
O8 EPE E . 23.43 28.89 -18.89
C9 EPE E . 24.11 22.31 -20.16
C10 EPE E . 25.07 21.42 -20.94
S EPE E . 24.82 19.70 -20.42
O1S EPE E . 25.44 18.75 -21.42
O2S EPE E . 23.35 19.43 -20.24
O3S EPE E . 25.35 19.48 -19.03
C1 PEG F . 5.99 21.54 18.63
O1 PEG F . 4.87 21.48 19.50
C2 PEG F . 5.90 20.45 17.59
O2 PEG F . 4.73 20.60 16.79
C3 PEG F . 4.84 20.08 15.49
C4 PEG F . 3.54 19.52 14.96
O4 PEG F . 2.50 20.48 14.99
BR BR G . 2.23 -5.48 6.55
CL CL H . -8.16 23.30 5.89
CL CL I . 9.58 19.70 19.77
CL CL J . 30.80 12.64 -16.23
N10 R2V K . -7.16 -13.59 6.58
C02 R2V K . -8.11 -10.81 8.62
C04 R2V K . -6.30 -12.02 9.64
C06 R2V K . -7.07 -12.80 7.67
C07 R2V K . -8.07 -11.75 7.56
C09 R2V K . -8.23 -13.04 5.79
C11 R2V K . -6.37 -14.73 6.24
C13 R2V K . -7.06 -16.42 4.78
C14 R2V K . -7.87 -16.53 3.51
C20 R2V K . -9.56 -13.76 1.31
C22 R2V K . -10.93 -13.11 1.12
C23 R2V K . -11.97 -13.87 0.53
C24 R2V K . -13.24 -13.34 0.32
C25 R2V K . -13.52 -12.03 0.64
C26 R2V K . -12.46 -11.25 1.20
C28 R2V K . -11.21 -11.77 1.42
C30 R2V K . -7.85 -16.57 6.07
C32 R2V K . -6.85 -15.99 7.10
N01 R2V K . -8.98 -9.73 8.73
N03 R2V K . -7.20 -11.00 9.70
N05 R2V K . -6.15 -12.97 8.70
N08 R2V K . -8.80 -11.97 6.39
N15 R2V K . -7.28 -15.91 2.36
N19 R2V K . -9.42 -15.10 0.91
O12 R2V K . -6.54 -15.05 4.92
O17 R2V K . -8.29 -17.25 0.58
O18 R2V K . -7.17 -15.21 -0.03
O21 R2V K . -8.59 -13.19 1.68
O27 R2V K . -12.73 -9.97 1.52
O31 R2V K . -8.02 -17.94 6.21
O33 R2V K . -5.69 -16.75 7.16
S16 R2V K . -8.01 -15.91 0.87
C1 PEG L . -0.04 -11.53 15.95
C2 PEG L . 0.74 -12.02 14.80
O2 PEG L . 0.02 -11.99 13.70
C3 PEG L . 0.76 -12.06 12.61
C4 PEG L . 1.21 -10.71 12.28
O4 PEG L . 2.02 -10.83 11.23
BR BR M . -0.08 -3.86 7.96
BR BR N . -36.15 2.84 -9.86
CL CL O . -8.40 -4.98 -15.06
#